data_4Q4J
#
_entry.id   4Q4J
#
_cell.length_a   216.670
_cell.length_b   84.140
_cell.length_c   113.460
_cell.angle_alpha   90.00
_cell.angle_beta   93.32
_cell.angle_gamma   90.00
#
_symmetry.space_group_name_H-M   'C 1 2 1'
#
loop_
_entity.id
_entity.type
_entity.pdbx_description
1 polymer 'ABC transporter'
2 polymer 'Uncharacterized ABC transporter ATP-binding protein TM_0288'
#
loop_
_entity_poly.entity_id
_entity_poly.type
_entity_poly.pdbx_seq_one_letter_code
_entity_poly.pdbx_strand_id
1 'polypeptide(L)'
;GPSGSGGGGGSKTLARYLKPYWIFAVLAPLFMVVEVISDLSQPTLLARIVDEGIARGDFSLVLKTGILMLIVALIGAVGG
IGSTVFASYASQNFGADLRRDLFRKVLSFSISNVNRFHTSSLITRLTNDVTQLQNLVMMLLRIVVRAPLLFVGGIVMAVS
INVKLSSVLIFLIPPIVLLFVWLTKKGNPLFRKIQESTDEVNRVVRENLLGVRVVRAFRREEYENENFRKANESLRRSII
SAFSLIVFALPLFIFIVNMGMIAVLWFGGVLVRNNQMEIGSIMAYTNYLMQIMFSLMMIGNILNFIVRASASAKRVLEVL
NEKPAIEEADNALALPNVEGSVSFENVEFRYFENTDPVLSGVNFSVKPGSLVAVLGETGSGKSTLMNLIPRLIDPERGRV
EVDELDVRTVKLKDLRGHISAVPQETVLFSGTIKENLKWGREDATDDEIVEAAKIAQIHDFIISLPEGYDSRVERGGRNF
SGGQKQRLSIARALVKKPKVLILDDSTCSVDPITEKRILDGLKRYTKGSTTFIITQKIPTALLADKILVLHEGKVAGFGT
HKELLEHSKPYREIYESQFGNGVMNDA
;
A
2 'polypeptide(L)'
;MPEIRRRPHGPILEKPALKNPTATLRRLLGYLRPHTFTLIMVFVFVTVSSILGVLSPYLIGKTIDVVFVPRRFDLLPRYM
LILGTIYALTSLLFWLQGKIMLTLSQDVVFRLRKELFEKLQRVPVGFFDRTPHGDIISRVINDVDNINNVLGNSIIQFFS
GIVTLAGAVIMMFRVNVILSLVTLSIVPLTVLITQIVSSQTRKYFYENQRVLGQLNGIIEEDISGLTVIKLFTREEKEME
KFDRVNESLRKVGTKAQIFSGVLPPLMNMVNNLGFALISGFGGWLALKDIITVGTIATFIGYSRQFTRPLNELSNQFNMI
QMALASAERIFEILDLEEEKDDPDAVELREVRGEIEFKNVWFSYDKKKPVLKDITFHIKPGQKVALVGPTGSGKTTIVNL
LMRFYDVDRGQILVDGIDIRKIKRSSLRSSIGIVLQDTILFSTTVKENLKYGNPGATDEEIKEAAKLTHSDHFIKHLPEG
YETVLTDNGEDLSQGQRQLLAITRAFLANPKILILDEATCNVDTKTEKSIQAAMWKLMEGKTSIIIAHRLNTIKNADLII
VLRDGEIVEMGKHDELIQKRGFYYELFTSQYGLVVEKE
;
B
#
# COMPACT_ATOMS: atom_id res chain seq x y z
N GLY A 8 -2.51 25.59 23.07
CA GLY A 8 -1.48 25.36 22.06
C GLY A 8 -1.00 23.93 22.03
N GLY A 9 -1.59 23.13 21.13
CA GLY A 9 -1.26 21.71 21.00
C GLY A 9 -2.18 20.84 21.83
N GLY A 10 -1.59 20.02 22.70
CA GLY A 10 -2.39 19.22 23.61
C GLY A 10 -1.60 18.47 24.67
N SER A 11 -2.20 18.37 25.86
CA SER A 11 -1.62 17.65 27.00
C SER A 11 -2.08 16.18 27.09
N LYS A 12 -2.39 15.57 25.95
CA LYS A 12 -2.85 14.19 25.96
C LYS A 12 -1.64 13.27 25.72
N THR A 13 -1.60 12.15 26.44
CA THR A 13 -0.38 11.34 26.56
C THR A 13 -0.63 9.83 26.56
N LEU A 14 0.03 9.10 25.64
CA LEU A 14 -0.13 7.64 25.48
C LEU A 14 0.11 6.80 26.75
N ALA A 15 0.79 7.38 27.73
CA ALA A 15 1.05 6.68 28.97
C ALA A 15 -0.24 6.42 29.74
N ARG A 16 -1.26 7.24 29.49
CA ARG A 16 -2.56 6.97 30.08
C ARG A 16 -3.09 5.60 29.66
N TYR A 17 -2.86 5.19 28.41
CA TYR A 17 -3.45 3.96 27.91
C TYR A 17 -2.78 2.68 28.46
N LEU A 18 -1.50 2.76 28.82
CA LEU A 18 -0.84 1.56 29.37
C LEU A 18 -1.11 1.41 30.88
N LYS A 19 -1.56 2.51 31.49
CA LYS A 19 -1.72 2.62 32.94
C LYS A 19 -2.61 1.55 33.66
N PRO A 20 -3.76 1.18 33.09
CA PRO A 20 -4.58 0.20 33.81
C PRO A 20 -3.98 -1.22 33.79
N TYR A 21 -2.89 -1.42 33.08
CA TYR A 21 -2.30 -2.74 32.97
C TYR A 21 -0.91 -2.79 33.60
N TRP A 22 -0.65 -1.86 34.52
CA TRP A 22 0.67 -1.72 35.13
C TRP A 22 1.12 -3.03 35.81
N ILE A 23 0.18 -3.84 36.30
CA ILE A 23 0.56 -5.13 36.87
C ILE A 23 1.27 -5.99 35.81
N PHE A 24 0.65 -6.12 34.64
CA PHE A 24 1.28 -6.74 33.48
C PHE A 24 2.60 -6.07 33.07
N ALA A 25 2.70 -4.75 33.22
CA ALA A 25 3.89 -4.05 32.77
C ALA A 25 5.03 -4.11 33.77
N VAL A 26 4.82 -4.68 34.96
CA VAL A 26 5.98 -4.87 35.84
C VAL A 26 6.32 -6.35 35.95
N LEU A 27 5.30 -7.20 35.87
CA LEU A 27 5.55 -8.64 35.85
C LEU A 27 6.42 -9.04 34.65
N ALA A 28 6.24 -8.35 33.53
CA ALA A 28 7.07 -8.61 32.34
C ALA A 28 8.57 -8.41 32.58
N PRO A 29 9.02 -7.19 32.94
CA PRO A 29 10.47 -6.98 33.07
C PRO A 29 11.04 -7.71 34.28
N LEU A 30 10.23 -7.92 35.31
CA LEU A 30 10.66 -8.74 36.44
C LEU A 30 10.90 -10.19 36.00
N PHE A 31 9.97 -10.79 35.26
CA PHE A 31 10.19 -12.12 34.72
C PHE A 31 11.36 -12.15 33.72
N MET A 32 11.75 -10.96 33.24
CA MET A 32 12.92 -10.87 32.40
C MET A 32 14.18 -10.88 33.24
N VAL A 33 14.23 -10.11 34.32
CA VAL A 33 15.45 -10.16 35.14
C VAL A 33 15.67 -11.58 35.63
N VAL A 34 14.59 -12.34 35.85
CA VAL A 34 14.75 -13.75 36.20
C VAL A 34 15.55 -14.44 35.08
N GLU A 35 15.15 -14.21 33.84
CA GLU A 35 15.89 -14.75 32.69
C GLU A 35 17.35 -14.24 32.59
N VAL A 36 17.60 -12.95 32.69
CA VAL A 36 18.97 -12.45 32.52
C VAL A 36 19.94 -13.09 33.52
N ILE A 37 19.63 -12.99 34.81
CA ILE A 37 20.34 -13.72 35.85
C ILE A 37 20.54 -15.21 35.51
N SER A 38 19.46 -15.92 35.19
CA SER A 38 19.54 -17.32 34.79
C SER A 38 20.50 -17.56 33.62
N ASP A 39 20.75 -16.50 32.87
CA ASP A 39 21.55 -16.60 31.67
C ASP A 39 23.00 -16.25 32.04
N LEU A 40 23.16 -15.29 32.96
CA LEU A 40 24.49 -14.88 33.46
C LEU A 40 25.13 -15.84 34.49
N SER A 41 24.34 -16.75 35.05
CA SER A 41 24.85 -17.74 35.98
C SER A 41 25.55 -18.93 35.29
N GLN A 42 25.11 -19.28 34.09
CA GLN A 42 25.65 -20.43 33.36
C GLN A 42 27.17 -20.48 33.13
N PRO A 43 27.85 -19.33 32.89
CA PRO A 43 29.28 -19.48 32.63
C PRO A 43 30.15 -19.55 33.91
N THR A 44 29.75 -18.77 34.92
CA THR A 44 30.26 -18.87 36.28
C THR A 44 30.20 -20.31 36.79
N LEU A 45 29.06 -20.97 36.60
CA LEU A 45 28.95 -22.34 37.07
C LEU A 45 29.77 -23.30 36.21
N LEU A 46 30.29 -22.81 35.08
CA LEU A 46 31.23 -23.63 34.30
C LEU A 46 32.67 -23.49 34.84
N ALA A 47 33.09 -22.29 35.20
CA ALA A 47 34.41 -22.08 35.77
C ALA A 47 34.52 -22.91 37.04
N ARG A 48 33.59 -22.69 37.95
CA ARG A 48 33.49 -23.50 39.16
C ARG A 48 33.41 -25.02 38.89
N ILE A 49 32.81 -25.43 37.78
CA ILE A 49 32.82 -26.87 37.45
C ILE A 49 34.25 -27.32 37.24
N VAL A 50 35.03 -26.52 36.52
CA VAL A 50 36.41 -26.95 36.23
C VAL A 50 37.39 -26.55 37.34
N ASP A 51 37.33 -25.30 37.79
CA ASP A 51 38.30 -24.79 38.75
C ASP A 51 37.99 -25.23 40.16
N GLU A 52 37.05 -26.13 40.35
CA GLU A 52 36.78 -26.59 41.70
C GLU A 52 36.36 -28.04 41.72
N GLY A 53 36.28 -28.65 40.55
CA GLY A 53 35.68 -29.96 40.48
C GLY A 53 36.39 -30.95 39.60
N ILE A 54 36.85 -30.49 38.45
CA ILE A 54 37.71 -31.31 37.61
C ILE A 54 39.09 -31.27 38.24
N ALA A 55 39.56 -30.04 38.45
CA ALA A 55 40.86 -29.81 39.05
C ALA A 55 40.80 -29.89 40.59
N ARG A 56 40.15 -30.93 41.12
CA ARG A 56 40.09 -31.14 42.56
C ARG A 56 39.39 -32.45 42.90
N GLY A 57 39.14 -33.26 41.87
CA GLY A 57 38.68 -34.62 42.04
C GLY A 57 37.39 -34.91 42.80
N ASP A 58 36.53 -33.90 42.98
CA ASP A 58 35.20 -34.16 43.55
C ASP A 58 34.16 -34.35 42.45
N PHE A 59 33.67 -35.57 42.33
CA PHE A 59 32.60 -35.87 41.41
C PHE A 59 31.32 -35.24 41.98
N SER A 60 31.21 -35.14 43.30
CA SER A 60 30.02 -34.52 43.91
C SER A 60 29.80 -33.10 43.37
N LEU A 61 30.76 -32.22 43.62
CA LEU A 61 30.82 -30.89 43.02
C LEU A 61 30.38 -30.87 41.55
N VAL A 62 31.09 -31.61 40.68
CA VAL A 62 30.70 -31.67 39.27
C VAL A 62 29.27 -32.17 39.10
N LEU A 63 28.91 -33.25 39.80
CA LEU A 63 27.53 -33.73 39.72
C LEU A 63 26.55 -32.67 40.19
N LYS A 64 26.73 -32.20 41.42
CA LYS A 64 25.81 -31.25 42.02
C LYS A 64 25.69 -29.95 41.25
N THR A 65 26.80 -29.40 40.75
CA THR A 65 26.71 -28.15 39.99
C THR A 65 26.38 -28.43 38.53
N GLY A 66 26.31 -29.71 38.18
CA GLY A 66 25.81 -30.13 36.89
C GLY A 66 24.29 -30.15 36.92
N ILE A 67 23.73 -30.67 38.00
CA ILE A 67 22.29 -30.69 38.22
C ILE A 67 21.82 -29.27 38.33
N LEU A 68 22.55 -28.48 39.11
CA LEU A 68 22.18 -27.11 39.44
C LEU A 68 22.08 -26.23 38.20
N MET A 69 22.85 -26.57 37.18
CA MET A 69 22.81 -25.83 35.92
C MET A 69 21.49 -26.08 35.19
N LEU A 70 21.05 -27.34 35.10
CA LEU A 70 19.73 -27.66 34.55
C LEU A 70 18.58 -26.86 35.22
N ILE A 71 18.54 -26.93 36.55
CA ILE A 71 17.53 -26.25 37.35
C ILE A 71 17.57 -24.75 37.11
N VAL A 72 18.73 -24.16 36.83
CA VAL A 72 18.79 -22.75 36.47
C VAL A 72 18.27 -22.53 35.03
N ALA A 73 18.61 -23.45 34.13
CA ALA A 73 18.23 -23.31 32.74
C ALA A 73 16.70 -23.37 32.55
N LEU A 74 16.05 -24.20 33.36
CA LEU A 74 14.60 -24.27 33.35
C LEU A 74 13.99 -23.03 33.99
N ILE A 75 14.64 -22.46 34.99
CA ILE A 75 14.06 -21.28 35.58
C ILE A 75 14.01 -20.15 34.55
N GLY A 76 15.13 -19.87 33.89
CA GLY A 76 15.16 -18.83 32.87
C GLY A 76 14.07 -18.95 31.79
N ALA A 77 13.71 -20.18 31.45
CA ALA A 77 12.58 -20.40 30.60
C ALA A 77 11.25 -19.95 31.27
N VAL A 78 10.99 -20.40 32.49
CA VAL A 78 9.78 -19.95 33.17
C VAL A 78 9.87 -18.43 33.19
N GLY A 79 11.06 -17.91 33.45
CA GLY A 79 11.30 -16.49 33.32
C GLY A 79 10.94 -15.91 31.95
N GLY A 80 11.57 -16.42 30.90
CA GLY A 80 11.43 -15.85 29.57
C GLY A 80 10.03 -15.98 29.03
N ILE A 81 9.50 -17.19 29.10
CA ILE A 81 8.09 -17.44 28.73
C ILE A 81 7.15 -16.49 29.50
N GLY A 82 7.25 -16.50 30.82
CA GLY A 82 6.49 -15.60 31.66
C GLY A 82 6.58 -14.14 31.24
N SER A 83 7.78 -13.66 30.94
CA SER A 83 7.90 -12.28 30.46
C SER A 83 7.33 -12.06 29.06
N THR A 84 6.98 -13.14 28.36
CA THR A 84 6.38 -13.02 27.02
C THR A 84 4.88 -13.10 27.09
N VAL A 85 4.38 -13.91 28.01
CA VAL A 85 2.95 -13.94 28.32
C VAL A 85 2.45 -12.58 28.82
N PHE A 86 3.17 -11.98 29.79
CA PHE A 86 2.76 -10.69 30.33
C PHE A 86 2.93 -9.51 29.38
N ALA A 87 4.09 -9.33 28.77
CA ALA A 87 4.28 -8.18 27.90
C ALA A 87 3.39 -8.24 26.71
N SER A 88 2.80 -9.41 26.46
CA SER A 88 1.83 -9.57 25.37
C SER A 88 0.46 -9.07 25.77
N TYR A 89 0.02 -9.45 26.95
CA TYR A 89 -1.19 -8.88 27.54
C TYR A 89 -1.14 -7.36 27.62
N ALA A 90 -0.06 -6.82 28.16
CA ALA A 90 0.11 -5.37 28.24
C ALA A 90 0.06 -4.71 26.86
N SER A 91 0.95 -5.10 25.94
CA SER A 91 1.03 -4.41 24.66
C SER A 91 -0.28 -4.52 23.87
N GLN A 92 -0.99 -5.65 24.02
CA GLN A 92 -2.26 -5.81 23.32
C GLN A 92 -3.37 -4.93 23.87
N ASN A 93 -3.78 -5.18 25.10
CA ASN A 93 -4.70 -4.28 25.80
C ASN A 93 -4.45 -2.80 25.44
N PHE A 94 -3.27 -2.27 25.76
CA PHE A 94 -2.86 -0.93 25.31
C PHE A 94 -3.27 -0.56 23.87
N GLY A 95 -3.15 -1.51 22.94
CA GLY A 95 -3.37 -1.24 21.53
C GLY A 95 -4.83 -1.07 21.22
N ALA A 96 -5.64 -1.91 21.85
CA ALA A 96 -7.09 -1.86 21.74
C ALA A 96 -7.54 -0.51 22.17
N ASP A 97 -7.13 -0.17 23.40
CA ASP A 97 -7.54 1.05 24.07
C ASP A 97 -7.12 2.29 23.28
N LEU A 98 -5.89 2.33 22.80
CA LEU A 98 -5.48 3.48 22.01
C LEU A 98 -6.24 3.57 20.68
N ARG A 99 -6.53 2.41 20.10
CA ARG A 99 -7.24 2.33 18.80
C ARG A 99 -8.70 2.77 18.95
N ARG A 100 -9.40 2.24 19.96
CA ARG A 100 -10.73 2.69 20.30
C ARG A 100 -10.81 4.20 20.53
N ASP A 101 -9.96 4.75 21.38
CA ASP A 101 -9.96 6.19 21.60
C ASP A 101 -9.69 6.96 20.31
N LEU A 102 -8.89 6.39 19.42
CA LEU A 102 -8.58 7.06 18.17
C LEU A 102 -9.80 7.13 17.26
N PHE A 103 -10.49 6.01 17.14
CA PHE A 103 -11.67 5.88 16.30
C PHE A 103 -12.74 6.83 16.82
N ARG A 104 -13.00 6.74 18.12
CA ARG A 104 -13.99 7.60 18.77
C ARG A 104 -13.64 9.08 18.53
N LYS A 105 -12.38 9.38 18.28
CA LYS A 105 -11.98 10.73 17.91
C LYS A 105 -12.38 11.09 16.47
N VAL A 106 -12.21 10.16 15.54
CA VAL A 106 -12.43 10.47 14.13
C VAL A 106 -13.93 10.46 13.79
N LEU A 107 -14.70 9.81 14.66
CA LEU A 107 -16.15 9.90 14.63
C LEU A 107 -16.69 11.26 15.07
N SER A 108 -15.93 12.01 15.85
CA SER A 108 -16.42 13.30 16.30
C SER A 108 -15.84 14.43 15.47
N PHE A 109 -15.00 14.08 14.50
CA PHE A 109 -14.31 15.11 13.73
C PHE A 109 -15.31 15.78 12.79
N SER A 110 -14.99 16.98 12.34
CA SER A 110 -15.79 17.60 11.31
C SER A 110 -15.03 17.66 10.00
N ILE A 111 -15.55 18.37 9.03
CA ILE A 111 -14.90 18.44 7.72
C ILE A 111 -13.65 19.30 7.84
N SER A 112 -13.66 20.20 8.83
CA SER A 112 -12.48 21.00 9.11
C SER A 112 -11.32 20.11 9.62
N ASN A 113 -11.67 19.18 10.49
CA ASN A 113 -10.71 18.23 11.02
C ASN A 113 -10.16 17.22 10.00
N VAL A 114 -11.04 16.44 9.36
CA VAL A 114 -10.61 15.51 8.31
C VAL A 114 -9.91 16.19 7.12
N ASN A 115 -9.90 17.51 7.07
CA ASN A 115 -9.08 18.20 6.08
C ASN A 115 -7.67 18.49 6.61
N ARG A 116 -7.56 18.70 7.92
CA ARG A 116 -6.26 18.97 8.56
C ARG A 116 -5.29 17.81 8.28
N PHE A 117 -5.37 16.72 9.04
CA PHE A 117 -4.76 15.48 8.56
C PHE A 117 -5.49 15.17 7.27
N HIS A 118 -4.79 14.69 6.26
CA HIS A 118 -5.53 14.21 5.11
C HIS A 118 -6.14 12.85 5.41
N THR A 119 -7.11 12.45 4.59
CA THR A 119 -7.92 11.28 4.91
C THR A 119 -7.11 9.98 4.78
N SER A 120 -6.22 9.94 3.81
CA SER A 120 -5.25 8.86 3.73
C SER A 120 -4.46 8.74 5.03
N SER A 121 -3.91 9.87 5.52
CA SER A 121 -3.11 9.81 6.75
C SER A 121 -3.93 9.30 7.91
N LEU A 122 -5.10 9.90 8.09
CA LEU A 122 -6.02 9.54 9.17
C LEU A 122 -6.15 8.02 9.34
N ILE A 123 -6.21 7.33 8.21
CA ILE A 123 -6.27 5.89 8.19
C ILE A 123 -4.98 5.28 8.70
N THR A 124 -3.88 5.54 8.00
CA THR A 124 -2.58 4.99 8.39
C THR A 124 -2.25 5.16 9.89
N ARG A 125 -2.64 6.28 10.50
CA ARG A 125 -2.49 6.42 11.95
C ARG A 125 -3.37 5.44 12.71
N LEU A 126 -4.60 5.25 12.24
CA LEU A 126 -5.57 4.46 12.98
C LEU A 126 -5.34 2.98 12.84
N THR A 127 -4.32 2.62 12.05
CA THR A 127 -4.05 1.24 11.70
C THR A 127 -2.56 0.91 11.88
N ASN A 128 -1.73 1.45 10.99
CA ASN A 128 -0.30 1.21 11.07
C ASN A 128 0.29 1.64 12.40
N ASP A 129 0.18 2.93 12.68
CA ASP A 129 0.67 3.52 13.92
C ASP A 129 0.18 2.84 15.17
N VAL A 130 -1.11 2.55 15.28
CA VAL A 130 -1.57 1.81 16.44
C VAL A 130 -0.81 0.49 16.60
N THR A 131 -0.44 -0.15 15.50
CA THR A 131 0.33 -1.40 15.61
C THR A 131 1.83 -1.14 15.90
N GLN A 132 2.41 -0.13 15.26
CA GLN A 132 3.74 0.29 15.62
C GLN A 132 3.87 0.52 17.11
N LEU A 133 3.05 1.40 17.68
CA LEU A 133 3.06 1.64 19.12
C LEU A 133 2.86 0.36 19.90
N GLN A 134 1.95 -0.48 19.43
CA GLN A 134 1.67 -1.74 20.07
C GLN A 134 2.91 -2.62 20.13
N ASN A 135 3.76 -2.48 19.13
CA ASN A 135 5.05 -3.17 19.13
C ASN A 135 6.01 -2.55 20.16
N LEU A 136 6.29 -1.25 20.00
CA LEU A 136 7.11 -0.50 20.94
C LEU A 136 6.81 -0.88 22.40
N VAL A 137 5.55 -0.89 22.82
CA VAL A 137 5.24 -1.38 24.18
C VAL A 137 5.77 -2.82 24.48
N MET A 138 5.50 -3.76 23.56
CA MET A 138 5.93 -5.15 23.68
C MET A 138 7.45 -5.22 23.82
N MET A 139 8.11 -4.37 23.04
CA MET A 139 9.55 -4.29 23.00
C MET A 139 10.10 -3.78 24.32
N LEU A 140 9.67 -2.59 24.73
CA LEU A 140 10.04 -2.07 26.03
C LEU A 140 9.89 -3.13 27.10
N LEU A 141 8.73 -3.76 27.20
CA LEU A 141 8.53 -4.65 28.35
C LEU A 141 9.37 -5.95 28.43
N ARG A 142 10.08 -6.30 27.36
CA ARG A 142 10.94 -7.53 27.38
C ARG A 142 12.39 -7.36 26.94
N ILE A 143 12.66 -6.99 25.69
CA ILE A 143 14.05 -6.82 25.27
C ILE A 143 14.65 -5.43 25.41
N VAL A 144 13.93 -4.50 26.02
CA VAL A 144 14.57 -3.25 26.40
C VAL A 144 14.98 -3.40 27.86
N VAL A 145 14.55 -4.50 28.46
CA VAL A 145 15.03 -4.86 29.78
C VAL A 145 16.11 -5.93 29.63
N ARG A 146 15.86 -6.92 28.77
CA ARG A 146 16.86 -7.96 28.52
C ARG A 146 18.20 -7.41 28.01
N ALA A 147 18.19 -6.70 26.88
CA ALA A 147 19.44 -6.29 26.24
C ALA A 147 20.39 -5.42 27.07
N PRO A 148 19.88 -4.46 27.85
CA PRO A 148 20.77 -3.68 28.75
C PRO A 148 21.22 -4.40 30.03
N LEU A 149 20.45 -5.36 30.55
CA LEU A 149 20.92 -6.12 31.69
C LEU A 149 21.99 -7.14 31.28
N LEU A 150 21.73 -7.90 30.22
CA LEU A 150 22.77 -8.79 29.73
C LEU A 150 24.06 -8.02 29.45
N PHE A 151 23.94 -6.81 28.91
CA PHE A 151 25.11 -6.00 28.65
C PHE A 151 25.81 -5.62 29.95
N VAL A 152 25.20 -4.74 30.72
CA VAL A 152 25.76 -4.31 32.01
C VAL A 152 26.08 -5.47 32.97
N GLY A 153 25.12 -6.39 33.13
CA GLY A 153 25.32 -7.56 33.97
C GLY A 153 26.56 -8.34 33.55
N GLY A 154 26.66 -8.67 32.27
CA GLY A 154 27.87 -9.25 31.72
C GLY A 154 29.18 -8.56 32.06
N ILE A 155 29.19 -7.22 32.07
CA ILE A 155 30.39 -6.47 32.44
C ILE A 155 30.72 -6.64 33.93
N VAL A 156 29.77 -6.34 34.82
CA VAL A 156 29.91 -6.64 36.25
C VAL A 156 30.46 -8.03 36.56
N MET A 157 29.92 -9.06 35.91
CA MET A 157 30.43 -10.41 36.08
C MET A 157 31.88 -10.49 35.64
N ALA A 158 32.19 -9.92 34.46
CA ALA A 158 33.56 -9.86 33.96
C ALA A 158 34.52 -9.27 35.00
N VAL A 159 34.18 -8.08 35.47
CA VAL A 159 34.98 -7.39 36.46
C VAL A 159 35.08 -8.19 37.75
N SER A 160 33.97 -8.73 38.25
CA SER A 160 34.02 -9.53 39.48
C SER A 160 34.92 -10.78 39.31
N ILE A 161 34.94 -11.35 38.11
CA ILE A 161 35.82 -12.48 37.84
C ILE A 161 37.28 -12.06 38.00
N ASN A 162 37.63 -10.90 37.45
CA ASN A 162 38.99 -10.43 37.44
C ASN A 162 39.10 -9.01 36.95
N VAL A 163 39.30 -8.07 37.87
CA VAL A 163 39.27 -6.65 37.54
C VAL A 163 40.23 -6.23 36.41
N LYS A 164 41.43 -6.79 36.41
CA LYS A 164 42.47 -6.36 35.49
C LYS A 164 42.17 -6.70 34.03
N LEU A 165 41.66 -7.90 33.78
CA LEU A 165 41.38 -8.35 32.42
C LEU A 165 40.29 -7.50 31.80
N SER A 166 39.47 -6.89 32.65
CA SER A 166 38.38 -6.04 32.20
C SER A 166 38.84 -4.88 31.36
N SER A 167 40.09 -4.45 31.55
CA SER A 167 40.64 -3.36 30.75
C SER A 167 40.36 -3.53 29.25
N VAL A 168 40.36 -4.78 28.78
CA VAL A 168 40.13 -5.08 27.37
C VAL A 168 38.76 -4.60 26.85
N LEU A 169 37.82 -4.42 27.76
CA LEU A 169 36.47 -3.94 27.43
C LEU A 169 36.53 -2.50 26.90
N ILE A 170 37.56 -1.76 27.30
CA ILE A 170 37.70 -0.38 26.88
C ILE A 170 38.38 -0.30 25.50
N PHE A 171 38.54 -1.43 24.86
CA PHE A 171 39.24 -1.48 23.59
C PHE A 171 38.43 -2.28 22.58
N LEU A 172 37.26 -2.73 23.02
CA LEU A 172 36.35 -3.50 22.18
C LEU A 172 35.03 -2.77 22.09
N ILE A 173 34.69 -2.05 23.14
CA ILE A 173 33.41 -1.38 23.25
C ILE A 173 33.35 -0.06 22.47
N PRO A 174 34.38 0.80 22.57
CA PRO A 174 34.30 2.01 21.72
C PRO A 174 34.43 1.81 20.18
N PRO A 175 35.27 0.87 19.70
CA PRO A 175 35.29 0.71 18.23
C PRO A 175 33.93 0.28 17.63
N ILE A 176 33.20 -0.57 18.34
CA ILE A 176 31.88 -1.01 17.91
C ILE A 176 30.86 0.13 17.96
N VAL A 177 30.84 0.87 19.07
CA VAL A 177 29.94 2.02 19.21
C VAL A 177 30.22 3.09 18.15
N LEU A 178 31.46 3.16 17.69
CA LEU A 178 31.80 4.04 16.58
C LEU A 178 31.30 3.43 15.28
N LEU A 179 31.43 2.11 15.14
CA LEU A 179 30.96 1.42 13.94
C LEU A 179 29.46 1.65 13.75
N PHE A 180 28.72 1.51 14.85
CA PHE A 180 27.27 1.67 14.82
C PHE A 180 26.88 3.07 14.41
N VAL A 181 27.46 4.09 15.07
CA VAL A 181 27.12 5.48 14.77
C VAL A 181 27.51 5.89 13.34
N TRP A 182 28.69 5.47 12.92
CA TRP A 182 29.15 5.75 11.57
C TRP A 182 28.23 5.18 10.50
N LEU A 183 27.80 3.92 10.67
CA LEU A 183 26.87 3.30 9.73
C LEU A 183 25.56 4.10 9.70
N THR A 184 24.98 4.30 10.87
CA THR A 184 23.75 5.04 10.99
C THR A 184 23.79 6.42 10.33
N LYS A 185 24.81 7.22 10.61
CA LYS A 185 24.90 8.56 10.02
C LYS A 185 25.24 8.57 8.52
N LYS A 186 25.73 7.44 8.03
CA LYS A 186 26.14 7.36 6.62
C LYS A 186 25.22 6.43 5.83
N GLY A 187 24.56 5.49 6.52
CA GLY A 187 23.64 4.57 5.87
C GLY A 187 22.25 5.16 5.71
N ASN A 188 21.83 5.94 6.70
CA ASN A 188 20.50 6.56 6.70
C ASN A 188 20.07 7.36 5.46
N PRO A 189 20.97 8.18 4.88
CA PRO A 189 20.59 8.89 3.66
C PRO A 189 20.60 8.01 2.41
N LEU A 190 21.32 6.90 2.46
CA LEU A 190 21.38 6.03 1.29
C LEU A 190 20.18 5.09 1.19
N PHE A 191 19.57 4.73 2.32
CA PHE A 191 18.39 3.88 2.32
C PHE A 191 17.16 4.70 1.92
N ARG A 192 17.21 5.99 2.24
CA ARG A 192 16.23 6.94 1.72
C ARG A 192 16.40 7.00 0.21
N LYS A 193 17.64 7.11 -0.25
CA LYS A 193 17.92 7.11 -1.68
C LYS A 193 17.45 5.82 -2.35
N ILE A 194 17.16 4.79 -1.56
CA ILE A 194 16.58 3.57 -2.13
C ILE A 194 15.09 3.77 -2.33
N GLN A 195 14.42 4.28 -1.30
CA GLN A 195 12.99 4.56 -1.38
C GLN A 195 12.68 5.51 -2.54
N GLU A 196 13.51 6.53 -2.70
CA GLU A 196 13.37 7.45 -3.82
C GLU A 196 13.40 6.73 -5.16
N SER A 197 14.32 5.79 -5.32
CA SER A 197 14.44 5.08 -6.58
C SER A 197 13.41 3.95 -6.76
N THR A 198 12.92 3.42 -5.64
CA THR A 198 11.82 2.47 -5.65
C THR A 198 10.55 3.16 -6.16
N ASP A 199 10.24 4.30 -5.53
CA ASP A 199 9.12 5.15 -5.93
C ASP A 199 9.12 5.40 -7.44
N GLU A 200 10.25 5.81 -7.99
CA GLU A 200 10.37 6.07 -9.42
C GLU A 200 10.09 4.85 -10.29
N VAL A 201 10.49 3.67 -9.83
CA VAL A 201 10.16 2.45 -10.56
C VAL A 201 8.66 2.21 -10.51
N ASN A 202 8.07 2.40 -9.34
CA ASN A 202 6.63 2.26 -9.18
C ASN A 202 5.91 3.23 -10.11
N ARG A 203 6.29 4.51 -10.02
CA ARG A 203 5.76 5.56 -10.87
C ARG A 203 5.76 5.17 -12.35
N VAL A 204 6.94 4.93 -12.90
CA VAL A 204 7.06 4.46 -14.28
C VAL A 204 6.14 3.27 -14.60
N VAL A 205 6.13 2.24 -13.76
CA VAL A 205 5.33 1.05 -14.06
C VAL A 205 3.83 1.34 -13.99
N ARG A 206 3.45 2.18 -13.03
CA ARG A 206 2.06 2.59 -12.88
C ARG A 206 1.53 3.35 -14.10
N GLU A 207 2.14 4.50 -14.40
CA GLU A 207 1.77 5.30 -15.56
C GLU A 207 1.79 4.51 -16.87
N ASN A 208 2.52 3.42 -16.94
CA ASN A 208 2.47 2.59 -18.14
C ASN A 208 1.30 1.62 -18.13
N LEU A 209 0.61 1.54 -17.00
CA LEU A 209 -0.60 0.74 -16.87
C LEU A 209 -1.83 1.63 -16.95
N LEU A 210 -1.78 2.76 -16.23
CA LEU A 210 -2.81 3.77 -16.25
C LEU A 210 -2.98 4.35 -17.66
N GLY A 211 -1.86 4.57 -18.35
CA GLY A 211 -1.90 5.15 -19.68
C GLY A 211 -1.40 4.27 -20.80
N VAL A 212 -1.66 2.96 -20.71
CA VAL A 212 -1.21 2.02 -21.75
C VAL A 212 -1.80 2.42 -23.09
N ARG A 213 -3.05 2.84 -23.03
CA ARG A 213 -3.86 3.09 -24.22
C ARG A 213 -3.44 4.36 -24.96
N VAL A 214 -2.79 5.28 -24.24
CA VAL A 214 -2.23 6.47 -24.86
C VAL A 214 -0.88 6.15 -25.53
N VAL A 215 0.05 5.60 -24.76
CA VAL A 215 1.41 5.36 -25.27
C VAL A 215 1.41 4.33 -26.41
N ARG A 216 0.49 3.39 -26.35
CA ARG A 216 0.37 2.38 -27.37
C ARG A 216 -0.20 2.99 -28.64
N ALA A 217 -1.10 3.96 -28.46
CA ALA A 217 -1.75 4.63 -29.58
C ALA A 217 -0.77 5.59 -30.24
N PHE A 218 0.00 6.28 -29.41
CA PHE A 218 0.97 7.25 -29.90
C PHE A 218 2.27 6.62 -30.40
N ARG A 219 2.27 5.29 -30.55
CA ARG A 219 3.38 4.54 -31.13
C ARG A 219 4.70 4.93 -30.46
N ARG A 220 4.72 4.90 -29.14
CA ARG A 220 5.81 5.46 -28.38
C ARG A 220 6.16 4.55 -27.19
N GLU A 221 5.94 3.24 -27.36
CA GLU A 221 6.24 2.29 -26.30
C GLU A 221 7.72 2.29 -25.91
N GLU A 222 8.57 2.49 -26.92
CA GLU A 222 10.02 2.45 -26.72
C GLU A 222 10.54 3.64 -25.90
N TYR A 223 9.77 4.72 -25.85
CA TYR A 223 10.16 5.87 -25.04
C TYR A 223 9.95 5.56 -23.57
N GLU A 224 9.05 4.62 -23.28
CA GLU A 224 8.78 4.19 -21.91
C GLU A 224 9.75 3.11 -21.45
N ASN A 225 10.19 2.27 -22.40
CA ASN A 225 11.29 1.36 -22.18
C ASN A 225 12.57 2.13 -21.84
N GLU A 226 12.77 3.25 -22.52
CA GLU A 226 13.86 4.16 -22.20
C GLU A 226 13.60 4.85 -20.86
N ASN A 227 12.33 5.13 -20.59
CA ASN A 227 11.95 5.77 -19.34
C ASN A 227 11.99 4.81 -18.15
N PHE A 228 11.80 3.52 -18.41
CA PHE A 228 11.86 2.50 -17.36
C PHE A 228 13.28 2.09 -17.05
N ARG A 229 14.16 2.15 -18.05
CA ARG A 229 15.57 1.84 -17.84
C ARG A 229 16.20 2.82 -16.86
N LYS A 230 15.94 4.11 -17.04
CA LYS A 230 16.43 5.13 -16.12
C LYS A 230 15.98 4.87 -14.70
N ALA A 231 14.75 4.39 -14.53
CA ALA A 231 14.26 4.06 -13.21
C ALA A 231 15.00 2.83 -12.70
N ASN A 232 15.14 1.84 -13.58
CA ASN A 232 15.68 0.55 -13.18
C ASN A 232 17.16 0.62 -12.83
N GLU A 233 17.89 1.50 -13.51
CA GLU A 233 19.31 1.70 -13.25
C GLU A 233 19.53 2.56 -12.00
N SER A 234 18.68 3.57 -11.83
CA SER A 234 18.69 4.40 -10.63
C SER A 234 18.38 3.55 -9.39
N LEU A 235 17.70 2.42 -9.59
CA LEU A 235 17.38 1.51 -8.48
C LEU A 235 18.49 0.48 -8.24
N ARG A 236 19.16 0.07 -9.31
CA ARG A 236 20.26 -0.91 -9.18
C ARG A 236 21.44 -0.29 -8.46
N ARG A 237 21.70 0.98 -8.75
CA ARG A 237 22.78 1.72 -8.11
C ARG A 237 22.48 2.11 -6.67
N SER A 238 21.25 2.52 -6.38
CA SER A 238 20.92 2.94 -5.02
C SER A 238 20.93 1.77 -4.02
N ILE A 239 20.73 0.56 -4.53
CA ILE A 239 20.75 -0.64 -3.70
C ILE A 239 22.13 -1.28 -3.59
N ILE A 240 22.81 -1.48 -4.73
CA ILE A 240 24.16 -2.02 -4.71
C ILE A 240 25.04 -1.20 -3.78
N SER A 241 24.81 0.11 -3.72
CA SER A 241 25.54 0.94 -2.78
C SER A 241 25.12 0.63 -1.35
N ALA A 242 23.90 1.02 -0.99
CA ALA A 242 23.47 0.95 0.41
C ALA A 242 23.59 -0.44 1.02
N PHE A 243 23.57 -1.48 0.19
CA PHE A 243 23.74 -2.82 0.73
C PHE A 243 25.20 -3.32 0.71
N SER A 244 26.11 -2.49 0.21
CA SER A 244 27.53 -2.85 0.23
C SER A 244 28.15 -2.45 1.57
N LEU A 245 27.57 -1.43 2.21
CA LEU A 245 27.88 -1.07 3.59
C LEU A 245 27.53 -2.20 4.55
N ILE A 246 26.27 -2.63 4.55
CA ILE A 246 25.81 -3.71 5.43
C ILE A 246 26.74 -4.92 5.30
N VAL A 247 26.91 -5.37 4.06
CA VAL A 247 27.72 -6.56 3.77
C VAL A 247 29.18 -6.44 4.23
N PHE A 248 29.59 -5.22 4.58
CA PHE A 248 30.93 -4.94 5.12
C PHE A 248 30.91 -4.82 6.65
N ALA A 249 29.97 -4.05 7.18
CA ALA A 249 29.86 -3.86 8.62
C ALA A 249 29.70 -5.15 9.40
N LEU A 250 28.78 -6.03 8.99
CA LEU A 250 28.59 -7.27 9.76
C LEU A 250 29.87 -8.10 9.95
N PRO A 251 30.63 -8.41 8.87
CA PRO A 251 31.85 -9.19 9.03
C PRO A 251 32.93 -8.44 9.86
N LEU A 252 33.01 -7.13 9.68
CA LEU A 252 33.87 -6.30 10.50
C LEU A 252 33.46 -6.41 11.95
N PHE A 253 32.16 -6.27 12.22
CA PHE A 253 31.65 -6.49 13.57
C PHE A 253 32.08 -7.84 14.15
N ILE A 254 31.93 -8.91 13.38
CA ILE A 254 32.31 -10.24 13.85
C ILE A 254 33.80 -10.31 14.16
N PHE A 255 34.61 -9.67 13.33
CA PHE A 255 36.06 -9.68 13.50
C PHE A 255 36.45 -9.10 14.86
N ILE A 256 36.04 -7.87 15.10
CA ILE A 256 36.30 -7.24 16.37
C ILE A 256 35.87 -8.13 17.52
N VAL A 257 34.64 -8.64 17.47
CA VAL A 257 34.16 -9.59 18.47
C VAL A 257 35.11 -10.78 18.59
N ASN A 258 35.59 -11.25 17.46
CA ASN A 258 36.57 -12.32 17.39
C ASN A 258 37.96 -11.86 17.84
N MET A 259 38.29 -10.60 17.55
CA MET A 259 39.62 -10.09 17.86
C MET A 259 39.75 -9.78 19.34
N GLY A 260 38.63 -9.51 20.00
CA GLY A 260 38.62 -9.36 21.44
C GLY A 260 38.68 -10.71 22.13
N MET A 261 38.32 -11.78 21.42
CA MET A 261 38.41 -13.11 21.98
C MET A 261 39.88 -13.41 22.18
N ILE A 262 40.65 -13.03 21.16
CA ILE A 262 42.11 -13.14 21.14
C ILE A 262 42.69 -12.38 22.33
N ALA A 263 42.20 -11.18 22.58
CA ALA A 263 42.69 -10.38 23.68
C ALA A 263 42.32 -10.98 25.05
N VAL A 264 41.43 -11.95 25.05
CA VAL A 264 41.02 -12.56 26.31
C VAL A 264 41.84 -13.83 26.55
N LEU A 265 42.36 -14.40 25.49
CA LEU A 265 43.13 -15.62 25.58
C LEU A 265 44.63 -15.26 25.72
N TRP A 266 45.04 -14.25 24.95
CA TRP A 266 46.36 -13.67 25.08
C TRP A 266 46.58 -13.10 26.49
N PHE A 267 46.00 -11.92 26.77
CA PHE A 267 46.07 -11.31 28.11
C PHE A 267 45.66 -12.28 29.21
N GLY A 268 44.87 -13.29 28.86
CA GLY A 268 44.41 -14.27 29.82
C GLY A 268 45.42 -15.38 29.98
N GLY A 269 46.36 -15.43 29.03
CA GLY A 269 47.48 -16.35 29.11
C GLY A 269 48.57 -15.88 30.06
N VAL A 270 48.65 -14.57 30.30
CA VAL A 270 49.63 -14.03 31.22
C VAL A 270 49.11 -14.02 32.65
N LEU A 271 47.80 -13.95 32.82
CA LEU A 271 47.25 -13.92 34.17
C LEU A 271 47.25 -15.31 34.80
N VAL A 272 47.16 -16.35 33.98
CA VAL A 272 47.26 -17.72 34.49
C VAL A 272 48.70 -18.08 34.85
N ARG A 273 49.64 -17.59 34.05
CA ARG A 273 51.08 -17.77 34.28
C ARG A 273 51.48 -17.19 35.61
N ASN A 274 51.35 -15.87 35.71
CA ASN A 274 51.63 -15.14 36.93
C ASN A 274 50.60 -15.42 38.02
N ASN A 275 50.08 -16.64 38.02
CA ASN A 275 49.18 -17.15 39.04
C ASN A 275 48.08 -16.26 39.61
N GLN A 276 47.51 -15.42 38.75
CA GLN A 276 46.43 -14.52 39.12
C GLN A 276 45.06 -15.12 38.80
N MET A 277 44.98 -15.90 37.71
CA MET A 277 43.70 -16.33 37.14
C MET A 277 43.66 -17.82 36.78
N GLU A 278 42.78 -18.55 37.47
CA GLU A 278 42.41 -19.92 37.12
C GLU A 278 42.14 -20.16 35.62
N ILE A 279 42.34 -21.40 35.17
CA ILE A 279 42.10 -21.73 33.76
C ILE A 279 40.63 -21.58 33.37
N GLY A 280 39.74 -22.07 34.22
CA GLY A 280 38.30 -22.01 33.95
C GLY A 280 37.68 -20.63 33.92
N SER A 281 38.11 -19.77 34.83
CA SER A 281 37.74 -18.36 34.79
C SER A 281 38.11 -17.68 33.44
N ILE A 282 38.97 -18.29 32.64
CA ILE A 282 39.25 -17.74 31.32
C ILE A 282 38.16 -18.19 30.37
N MET A 283 37.77 -19.45 30.49
CA MET A 283 36.64 -19.98 29.76
C MET A 283 35.40 -19.11 30.02
N ALA A 284 35.05 -18.93 31.30
CA ALA A 284 33.94 -18.09 31.71
C ALA A 284 34.06 -16.69 31.10
N TYR A 285 35.20 -16.06 31.30
CA TYR A 285 35.44 -14.72 30.78
C TYR A 285 35.16 -14.59 29.29
N THR A 286 35.49 -15.62 28.52
CA THR A 286 35.22 -15.59 27.08
C THR A 286 33.72 -15.60 26.80
N ASN A 287 32.97 -16.45 27.50
CA ASN A 287 31.52 -16.45 27.38
C ASN A 287 30.94 -15.07 27.67
N TYR A 288 31.21 -14.50 28.85
CA TYR A 288 30.76 -13.13 29.16
C TYR A 288 31.23 -12.10 28.14
N LEU A 289 32.35 -12.35 27.47
CA LEU A 289 32.81 -11.41 26.46
C LEU A 289 31.79 -11.40 25.33
N MET A 290 31.34 -12.59 24.94
CA MET A 290 30.36 -12.82 23.87
C MET A 290 29.02 -12.19 24.20
N GLN A 291 28.55 -12.47 25.41
CA GLN A 291 27.25 -12.03 25.88
C GLN A 291 27.16 -10.52 25.99
N ILE A 292 28.31 -9.84 26.00
CA ILE A 292 28.34 -8.38 26.01
C ILE A 292 28.31 -7.87 24.57
N MET A 293 29.00 -8.57 23.68
CA MET A 293 29.19 -8.10 22.31
C MET A 293 27.96 -8.23 21.40
N PHE A 294 27.17 -9.28 21.60
CA PHE A 294 25.93 -9.42 20.85
C PHE A 294 24.77 -8.68 21.51
N SER A 295 24.77 -8.62 22.83
CA SER A 295 23.81 -7.79 23.54
C SER A 295 23.93 -6.33 23.14
N LEU A 296 25.18 -5.86 23.10
CA LEU A 296 25.47 -4.52 22.61
C LEU A 296 24.91 -4.32 21.21
N MET A 297 24.97 -5.35 20.38
CA MET A 297 24.45 -5.26 19.03
C MET A 297 22.91 -5.18 19.05
N MET A 298 22.27 -5.95 19.93
CA MET A 298 20.83 -5.86 20.09
C MET A 298 20.40 -4.44 20.44
N ILE A 299 21.06 -3.85 21.42
CA ILE A 299 20.81 -2.46 21.80
C ILE A 299 20.98 -1.54 20.57
N GLY A 300 21.81 -1.98 19.63
CA GLY A 300 22.00 -1.23 18.40
C GLY A 300 20.76 -1.24 17.55
N ASN A 301 20.20 -2.43 17.35
CA ASN A 301 18.98 -2.62 16.59
C ASN A 301 17.77 -1.97 17.28
N ILE A 302 17.72 -2.03 18.61
CA ILE A 302 16.61 -1.44 19.34
C ILE A 302 16.41 0.05 19.05
N LEU A 303 17.47 0.85 19.17
CA LEU A 303 17.40 2.29 18.93
C LEU A 303 16.85 2.64 17.56
N ASN A 304 17.24 1.85 16.56
CA ASN A 304 16.80 2.08 15.21
C ASN A 304 15.29 1.90 15.10
N PHE A 305 14.76 0.96 15.87
CA PHE A 305 13.31 0.84 15.98
C PHE A 305 12.68 2.02 16.73
N ILE A 306 13.27 2.43 17.85
CA ILE A 306 12.68 3.52 18.65
C ILE A 306 12.39 4.77 17.84
N VAL A 307 13.41 5.31 17.17
CA VAL A 307 13.26 6.56 16.42
C VAL A 307 12.06 6.57 15.46
N ARG A 308 11.81 5.43 14.82
CA ARG A 308 10.66 5.33 13.93
C ARG A 308 9.38 5.23 14.75
N ALA A 309 9.34 4.30 15.70
CA ALA A 309 8.19 4.11 16.58
C ALA A 309 7.84 5.40 17.31
N SER A 310 8.85 6.23 17.47
CA SER A 310 8.72 7.55 18.04
C SER A 310 7.81 8.41 17.17
N ALA A 311 8.03 8.39 15.86
CA ALA A 311 7.26 9.25 14.95
C ALA A 311 5.74 8.97 15.01
N SER A 312 5.40 7.70 15.09
CA SER A 312 4.00 7.26 15.18
C SER A 312 3.30 7.84 16.40
N ALA A 313 4.02 7.91 17.51
CA ALA A 313 3.47 8.42 18.74
C ALA A 313 3.19 9.89 18.60
N LYS A 314 3.80 10.55 17.63
CA LYS A 314 3.50 11.97 17.43
C LYS A 314 2.16 12.13 16.70
N ARG A 315 2.07 11.51 15.53
CA ARG A 315 0.85 11.46 14.73
C ARG A 315 -0.38 10.97 15.48
N VAL A 316 -0.21 9.91 16.28
CA VAL A 316 -1.32 9.38 17.05
C VAL A 316 -1.72 10.38 18.13
N LEU A 317 -0.74 11.12 18.65
CA LEU A 317 -1.02 12.14 19.65
C LEU A 317 -1.76 13.32 19.06
N GLU A 318 -1.46 13.67 17.80
CA GLU A 318 -2.15 14.75 17.11
C GLU A 318 -3.63 14.49 17.01
N VAL A 319 -3.97 13.26 16.68
CA VAL A 319 -5.33 12.93 16.33
C VAL A 319 -6.19 12.96 17.60
N LEU A 320 -5.56 12.72 18.75
CA LEU A 320 -6.24 12.78 20.05
C LEU A 320 -6.27 14.20 20.65
N ASN A 321 -5.41 15.09 20.12
CA ASN A 321 -5.25 16.48 20.62
C ASN A 321 -5.96 17.40 19.70
N GLU A 322 -6.56 16.83 18.66
CA GLU A 322 -7.38 17.60 17.74
C GLU A 322 -8.71 17.85 18.43
N LYS A 323 -9.27 19.05 18.27
CA LYS A 323 -10.58 19.35 18.82
C LYS A 323 -11.66 19.49 17.72
N PRO A 324 -12.83 18.88 17.93
CA PRO A 324 -13.98 18.94 17.03
C PRO A 324 -14.42 20.37 16.69
N ALA A 325 -14.39 20.67 15.39
CA ALA A 325 -14.71 21.99 14.87
C ALA A 325 -16.21 22.33 14.84
N ILE A 326 -17.07 21.35 15.02
CA ILE A 326 -18.51 21.66 15.13
C ILE A 326 -19.08 21.16 16.45
N GLU A 327 -19.25 22.08 17.41
CA GLU A 327 -19.84 21.74 18.70
C GLU A 327 -21.29 22.24 18.86
N GLU A 328 -22.17 21.41 19.42
CA GLU A 328 -23.56 21.78 19.65
C GLU A 328 -23.72 22.42 21.03
N ALA A 329 -24.33 23.61 21.09
CA ALA A 329 -24.50 24.33 22.34
C ALA A 329 -25.19 23.52 23.44
N ASP A 330 -24.90 23.87 24.69
CA ASP A 330 -25.32 23.09 25.86
C ASP A 330 -26.83 23.17 26.00
N ASN A 331 -27.36 24.35 25.71
CA ASN A 331 -28.79 24.55 25.64
C ASN A 331 -29.20 24.81 24.21
N ALA A 332 -29.19 23.75 23.40
CA ALA A 332 -29.57 23.85 22.00
C ALA A 332 -30.99 23.37 21.82
N LEU A 333 -31.68 23.94 20.84
CA LEU A 333 -33.09 23.66 20.63
C LEU A 333 -33.30 22.31 19.94
N ALA A 334 -34.21 21.51 20.49
CA ALA A 334 -34.67 20.31 19.79
C ALA A 334 -35.64 20.66 18.64
N LEU A 335 -35.60 19.82 17.60
CA LEU A 335 -36.44 20.00 16.42
C LEU A 335 -37.29 18.77 16.12
N PRO A 336 -38.46 18.69 16.75
CA PRO A 336 -39.50 17.66 16.54
C PRO A 336 -39.76 17.46 15.04
N ASN A 337 -40.09 18.57 14.39
CA ASN A 337 -40.27 18.58 12.94
C ASN A 337 -39.45 19.71 12.37
N VAL A 338 -39.45 19.86 11.05
CA VAL A 338 -38.81 20.98 10.36
C VAL A 338 -39.68 21.24 9.16
N GLU A 339 -40.00 22.50 8.87
CA GLU A 339 -40.85 22.77 7.73
C GLU A 339 -40.07 22.68 6.44
N GLY A 340 -38.94 23.37 6.40
CA GLY A 340 -38.05 23.23 5.27
C GLY A 340 -37.75 24.52 4.55
N SER A 341 -37.93 25.65 5.20
CA SER A 341 -37.45 26.89 4.63
C SER A 341 -35.93 26.89 4.76
N VAL A 342 -35.21 27.46 3.80
CA VAL A 342 -33.76 27.48 3.89
C VAL A 342 -33.13 28.78 3.40
N SER A 343 -32.47 29.45 4.34
CA SER A 343 -32.05 30.83 4.17
C SER A 343 -30.56 31.03 4.46
N PHE A 344 -29.93 31.88 3.65
CA PHE A 344 -28.53 32.24 3.80
C PHE A 344 -28.39 33.75 3.93
N GLU A 345 -28.21 34.26 5.14
CA GLU A 345 -27.89 35.68 5.27
C GLU A 345 -26.38 35.88 5.22
N ASN A 346 -25.94 36.68 4.25
CA ASN A 346 -24.54 37.08 4.12
C ASN A 346 -23.51 36.00 4.40
N VAL A 347 -23.78 34.78 3.95
CA VAL A 347 -22.82 33.70 4.12
C VAL A 347 -21.55 33.94 3.32
N GLU A 348 -20.42 33.86 4.02
CA GLU A 348 -19.11 33.86 3.38
C GLU A 348 -18.39 32.60 3.82
N PHE A 349 -18.05 31.75 2.86
CA PHE A 349 -17.49 30.43 3.19
C PHE A 349 -16.23 30.13 2.41
N ARG A 350 -15.35 29.38 3.05
CA ARG A 350 -14.03 29.07 2.55
C ARG A 350 -13.54 27.81 3.25
N TYR A 351 -13.04 26.84 2.48
CA TYR A 351 -12.67 25.55 3.05
C TYR A 351 -11.35 25.59 3.82
N PHE A 352 -10.36 26.29 3.26
CA PHE A 352 -9.04 26.44 3.87
C PHE A 352 -8.67 27.90 4.07
N GLU A 353 -8.15 28.21 5.26
CA GLU A 353 -7.86 29.59 5.67
C GLU A 353 -6.73 30.28 4.91
N ASN A 354 -6.35 29.72 3.75
CA ASN A 354 -5.31 30.32 2.92
C ASN A 354 -5.85 30.83 1.58
N THR A 355 -6.88 30.18 1.06
CA THR A 355 -7.39 30.46 -0.29
C THR A 355 -8.42 31.60 -0.32
N ASP A 356 -9.09 31.72 -1.47
CA ASP A 356 -10.13 32.73 -1.67
C ASP A 356 -11.51 32.21 -1.28
N PRO A 357 -12.37 33.11 -0.78
CA PRO A 357 -13.73 32.75 -0.38
C PRO A 357 -14.56 32.07 -1.49
N VAL A 358 -14.87 30.80 -1.25
CA VAL A 358 -15.72 30.02 -2.12
C VAL A 358 -17.09 30.68 -2.23
N LEU A 359 -17.52 31.33 -1.15
CA LEU A 359 -18.75 32.11 -1.13
C LEU A 359 -18.46 33.49 -0.49
N SER A 360 -19.36 34.45 -0.74
CA SER A 360 -19.19 35.81 -0.22
C SER A 360 -20.49 36.60 -0.31
N GLY A 361 -21.08 36.92 0.84
CA GLY A 361 -22.32 37.68 0.89
C GLY A 361 -23.45 36.97 0.17
N VAL A 362 -23.38 35.65 0.14
CA VAL A 362 -24.43 34.85 -0.47
C VAL A 362 -25.73 35.05 0.29
N ASN A 363 -26.71 35.65 -0.39
CA ASN A 363 -28.05 35.78 0.14
C ASN A 363 -29.04 35.00 -0.72
N PHE A 364 -29.96 34.31 -0.04
CA PHE A 364 -31.17 33.71 -0.66
C PHE A 364 -32.04 33.10 0.43
N SER A 365 -33.23 32.70 0.02
CA SER A 365 -34.21 32.12 0.91
C SER A 365 -35.08 31.20 0.08
N VAL A 366 -35.51 30.11 0.68
CA VAL A 366 -36.28 29.16 -0.05
C VAL A 366 -37.42 28.75 0.87
N LYS A 367 -38.62 28.62 0.31
CA LYS A 367 -39.78 28.34 1.11
C LYS A 367 -40.00 26.83 1.14
N PRO A 368 -40.63 26.33 2.21
CA PRO A 368 -40.84 24.89 2.40
C PRO A 368 -41.54 24.23 1.21
N GLY A 369 -40.86 23.28 0.56
CA GLY A 369 -41.47 22.51 -0.49
C GLY A 369 -41.04 22.93 -1.87
N SER A 370 -40.23 24.00 -1.92
CA SER A 370 -39.71 24.52 -3.18
C SER A 370 -38.80 23.50 -3.82
N LEU A 371 -38.60 23.63 -5.12
CA LEU A 371 -37.65 22.77 -5.81
C LEU A 371 -36.66 23.67 -6.50
N VAL A 372 -35.65 24.12 -5.78
CA VAL A 372 -34.71 25.08 -6.32
C VAL A 372 -33.61 24.35 -7.05
N ALA A 373 -33.16 24.91 -8.16
CA ALA A 373 -32.01 24.38 -8.86
C ALA A 373 -30.86 25.26 -8.52
N VAL A 374 -29.82 24.70 -7.91
CA VAL A 374 -28.63 25.48 -7.62
C VAL A 374 -27.67 25.32 -8.79
N LEU A 375 -27.84 26.17 -9.79
CA LEU A 375 -27.06 26.10 -11.01
C LEU A 375 -25.76 26.87 -10.86
N GLY A 376 -24.71 26.42 -11.57
CA GLY A 376 -23.43 27.08 -11.53
C GLY A 376 -22.41 26.18 -12.19
N GLU A 377 -21.24 26.72 -12.51
CA GLU A 377 -20.14 25.89 -13.01
C GLU A 377 -19.34 25.41 -11.80
N THR A 378 -18.34 24.58 -12.03
CA THR A 378 -17.47 24.13 -10.94
C THR A 378 -16.66 25.29 -10.38
N GLY A 379 -16.71 25.48 -9.06
CA GLY A 379 -15.93 26.50 -8.40
C GLY A 379 -16.77 27.68 -7.99
N SER A 380 -18.03 27.68 -8.42
CA SER A 380 -18.96 28.76 -8.13
C SER A 380 -19.49 28.65 -6.72
N GLY A 381 -19.07 27.63 -6.00
CA GLY A 381 -19.45 27.46 -4.61
C GLY A 381 -20.83 26.85 -4.46
N LYS A 382 -21.41 26.44 -5.58
CA LYS A 382 -22.71 25.79 -5.59
C LYS A 382 -22.70 24.55 -4.70
N SER A 383 -21.54 23.89 -4.62
CA SER A 383 -21.46 22.57 -4.00
C SER A 383 -21.20 22.68 -2.51
N THR A 384 -21.06 23.91 -2.04
CA THR A 384 -20.90 24.19 -0.63
C THR A 384 -22.23 24.07 0.09
N LEU A 385 -23.31 24.14 -0.66
CA LEU A 385 -24.63 24.01 -0.09
C LEU A 385 -24.75 22.71 0.71
N MET A 386 -24.39 21.60 0.06
CA MET A 386 -24.40 20.29 0.69
C MET A 386 -23.78 20.26 2.07
N ASN A 387 -22.63 20.92 2.20
CA ASN A 387 -21.90 20.99 3.48
C ASN A 387 -22.36 22.09 4.45
N LEU A 388 -23.16 23.04 3.97
CA LEU A 388 -23.56 24.14 4.86
C LEU A 388 -24.90 23.91 5.56
N ILE A 389 -25.93 23.53 4.81
CA ILE A 389 -27.25 23.30 5.37
C ILE A 389 -27.26 22.26 6.52
N PRO A 390 -26.75 21.02 6.29
CA PRO A 390 -26.58 20.25 7.53
C PRO A 390 -25.28 20.75 8.13
N ARG A 391 -25.24 21.04 9.42
CA ARG A 391 -24.06 21.72 9.95
C ARG A 391 -22.81 20.84 9.83
N LEU A 392 -22.13 20.90 8.69
CA LEU A 392 -20.92 20.11 8.54
C LEU A 392 -19.71 21.05 8.57
N ILE A 393 -19.95 22.29 8.15
CA ILE A 393 -19.00 23.38 8.30
C ILE A 393 -19.79 24.60 8.75
N ASP A 394 -19.19 25.45 9.58
CA ASP A 394 -19.82 26.74 9.90
C ASP A 394 -19.18 27.82 9.03
N PRO A 395 -19.98 28.81 8.57
CA PRO A 395 -19.41 29.81 7.68
C PRO A 395 -18.67 30.84 8.51
N GLU A 396 -17.73 31.57 7.91
CA GLU A 396 -16.98 32.61 8.65
C GLU A 396 -17.91 33.75 9.06
N ARG A 397 -18.48 34.41 8.07
CA ARG A 397 -19.51 35.43 8.31
C ARG A 397 -20.84 34.99 7.72
N GLY A 398 -21.92 35.42 8.37
CA GLY A 398 -23.24 35.13 7.88
C GLY A 398 -23.88 34.06 8.72
N ARG A 399 -25.17 33.87 8.56
CA ARG A 399 -25.80 32.77 9.24
C ARG A 399 -26.19 31.78 8.17
N VAL A 400 -26.42 30.55 8.60
CA VAL A 400 -27.15 29.61 7.80
C VAL A 400 -28.38 29.29 8.63
N GLU A 401 -29.55 29.38 8.01
CA GLU A 401 -30.75 29.16 8.76
C GLU A 401 -31.65 28.09 8.13
N VAL A 402 -32.28 27.28 8.98
CA VAL A 402 -33.28 26.29 8.60
C VAL A 402 -34.49 26.53 9.48
N ASP A 403 -35.59 26.94 8.86
CA ASP A 403 -36.80 27.35 9.58
C ASP A 403 -36.58 28.64 10.36
N GLU A 404 -35.90 29.59 9.71
CA GLU A 404 -35.37 30.83 10.31
C GLU A 404 -34.75 30.67 11.69
N LEU A 405 -34.26 29.48 11.97
CA LEU A 405 -33.52 29.23 13.17
C LEU A 405 -32.08 29.21 12.67
N ASP A 406 -31.15 29.71 13.47
CA ASP A 406 -29.75 29.56 13.08
C ASP A 406 -29.39 28.09 13.23
N VAL A 407 -28.67 27.54 12.27
CA VAL A 407 -28.28 26.14 12.37
C VAL A 407 -27.42 25.85 13.62
N ARG A 408 -26.59 26.82 14.02
CA ARG A 408 -25.68 26.68 15.16
C ARG A 408 -26.31 26.50 16.55
N THR A 409 -27.63 26.59 16.57
CA THR A 409 -28.41 26.83 17.76
C THR A 409 -29.25 25.62 18.10
N VAL A 410 -29.25 24.68 17.15
CA VAL A 410 -30.03 23.45 17.24
C VAL A 410 -29.18 22.17 17.35
N LYS A 411 -29.69 21.24 18.16
CA LYS A 411 -29.21 19.90 18.22
C LYS A 411 -28.92 19.36 16.83
N LEU A 412 -27.71 18.87 16.61
CA LEU A 412 -27.27 18.29 15.34
C LEU A 412 -28.02 17.01 14.93
N LYS A 413 -28.24 16.10 15.86
CA LYS A 413 -28.92 14.84 15.56
C LYS A 413 -30.32 15.12 15.05
N ASP A 414 -30.92 16.18 15.60
CA ASP A 414 -32.22 16.67 15.14
C ASP A 414 -32.11 17.34 13.77
N LEU A 415 -31.27 18.38 13.65
CA LEU A 415 -31.14 19.10 12.39
C LEU A 415 -30.78 18.19 11.23
N ARG A 416 -29.77 17.33 11.46
CA ARG A 416 -29.21 16.49 10.40
C ARG A 416 -30.13 15.32 10.03
N GLY A 417 -30.89 14.84 11.01
CA GLY A 417 -31.89 13.82 10.74
C GLY A 417 -33.04 14.27 9.85
N HIS A 418 -33.07 15.54 9.45
CA HIS A 418 -34.17 16.08 8.65
C HIS A 418 -33.69 16.50 7.28
N ILE A 419 -32.37 16.38 7.10
CA ILE A 419 -31.77 16.73 5.84
C ILE A 419 -31.18 15.47 5.26
N SER A 420 -31.31 15.29 3.96
CA SER A 420 -30.58 14.25 3.26
C SER A 420 -29.74 14.91 2.17
N ALA A 421 -28.48 14.52 2.11
CA ALA A 421 -27.60 14.95 1.03
C ALA A 421 -27.23 13.75 0.17
N VAL A 422 -27.04 13.99 -1.12
CA VAL A 422 -26.60 12.96 -2.04
C VAL A 422 -25.42 13.57 -2.78
N PRO A 423 -24.22 13.44 -2.19
CA PRO A 423 -22.98 14.02 -2.75
C PRO A 423 -22.63 13.39 -4.08
N GLN A 424 -21.74 14.02 -4.84
CA GLN A 424 -21.36 13.48 -6.14
C GLN A 424 -20.42 12.28 -5.98
N GLU A 425 -19.60 12.31 -4.94
CA GLU A 425 -18.80 11.16 -4.58
C GLU A 425 -19.58 10.37 -3.54
N THR A 426 -19.93 9.14 -3.86
CA THR A 426 -20.77 8.34 -2.94
C THR A 426 -20.05 7.13 -2.31
N VAL A 427 -20.52 6.72 -1.15
CA VAL A 427 -19.86 5.67 -0.38
C VAL A 427 -20.88 4.70 0.22
N LEU A 428 -20.71 3.40 -0.03
CA LEU A 428 -21.61 2.39 0.53
C LEU A 428 -20.88 1.53 1.55
N PHE A 429 -21.61 0.74 2.34
CA PHE A 429 -20.95 0.05 3.45
C PHE A 429 -21.20 -1.46 3.54
N SER A 430 -20.14 -2.20 3.85
CA SER A 430 -20.13 -3.66 3.85
C SER A 430 -21.30 -4.33 4.60
N GLY A 431 -22.31 -4.73 3.82
CA GLY A 431 -23.39 -5.59 4.29
C GLY A 431 -24.21 -5.89 3.06
N THR A 432 -25.53 -6.03 3.22
CA THR A 432 -26.42 -6.24 2.09
C THR A 432 -26.87 -4.90 1.49
N ILE A 433 -27.48 -4.91 0.31
CA ILE A 433 -28.09 -3.68 -0.20
C ILE A 433 -29.25 -3.21 0.70
N LYS A 434 -30.12 -4.11 1.13
CA LYS A 434 -31.26 -3.74 1.96
C LYS A 434 -30.81 -3.12 3.30
N GLU A 435 -29.67 -3.56 3.82
CA GLU A 435 -29.08 -2.95 5.02
C GLU A 435 -28.61 -1.53 4.74
N ASN A 436 -27.89 -1.35 3.62
CA ASN A 436 -27.47 -0.03 3.18
C ASN A 436 -28.65 0.93 3.04
N LEU A 437 -29.73 0.49 2.38
CA LEU A 437 -30.85 1.40 2.13
C LEU A 437 -31.60 1.79 3.40
N LYS A 438 -31.71 0.86 4.34
CA LYS A 438 -32.32 1.19 5.64
C LYS A 438 -31.45 2.09 6.56
N TRP A 439 -30.35 2.65 6.04
CA TRP A 439 -29.54 3.57 6.82
C TRP A 439 -30.32 4.83 7.23
N GLY A 440 -31.36 5.18 6.47
CA GLY A 440 -32.25 6.26 6.84
C GLY A 440 -33.16 5.90 8.01
N ARG A 441 -33.90 4.79 7.90
CA ARG A 441 -34.70 4.29 9.02
C ARG A 441 -34.72 2.77 9.13
N GLU A 442 -34.26 2.26 10.27
CA GLU A 442 -34.18 0.82 10.51
C GLU A 442 -35.54 0.14 10.54
N ASP A 443 -36.56 0.85 11.02
CA ASP A 443 -37.90 0.30 11.09
C ASP A 443 -38.59 0.34 9.73
N ALA A 444 -37.89 0.77 8.69
CA ALA A 444 -38.49 0.86 7.36
C ALA A 444 -38.91 -0.52 6.92
N THR A 445 -40.08 -0.58 6.30
CA THR A 445 -40.59 -1.85 5.79
C THR A 445 -40.10 -2.09 4.37
N ASP A 446 -40.12 -3.36 3.95
CA ASP A 446 -39.73 -3.72 2.59
C ASP A 446 -40.43 -2.84 1.55
N ASP A 447 -41.75 -2.69 1.66
CA ASP A 447 -42.48 -1.86 0.72
C ASP A 447 -41.98 -0.42 0.71
N GLU A 448 -41.63 0.11 1.88
CA GLU A 448 -41.16 1.50 1.99
C GLU A 448 -39.84 1.69 1.29
N ILE A 449 -38.99 0.67 1.44
CA ILE A 449 -37.70 0.58 0.81
C ILE A 449 -37.80 0.45 -0.70
N VAL A 450 -38.76 -0.35 -1.17
CA VAL A 450 -38.97 -0.57 -2.61
C VAL A 450 -39.55 0.66 -3.27
N GLU A 451 -40.37 1.38 -2.50
CA GLU A 451 -41.02 2.58 -3.02
C GLU A 451 -39.95 3.55 -3.51
N ALA A 452 -38.95 3.77 -2.65
CA ALA A 452 -37.94 4.79 -2.87
C ALA A 452 -36.85 4.30 -3.81
N ALA A 453 -36.66 2.98 -3.86
CA ALA A 453 -35.76 2.35 -4.82
C ALA A 453 -36.28 2.53 -6.25
N LYS A 454 -37.61 2.43 -6.38
CA LYS A 454 -38.26 2.62 -7.67
C LYS A 454 -38.11 4.05 -8.17
N ILE A 455 -38.37 5.04 -7.29
CA ILE A 455 -38.24 6.46 -7.66
C ILE A 455 -36.80 6.73 -8.10
N ALA A 456 -35.88 6.03 -7.45
CA ALA A 456 -34.47 6.28 -7.67
C ALA A 456 -33.95 5.57 -8.93
N GLN A 457 -34.81 4.75 -9.56
CA GLN A 457 -34.44 3.96 -10.75
C GLN A 457 -33.38 2.88 -10.48
N ILE A 458 -33.62 2.05 -9.46
CA ILE A 458 -32.67 1.01 -9.14
C ILE A 458 -33.36 -0.32 -8.78
N HIS A 459 -34.67 -0.27 -8.51
CA HIS A 459 -35.42 -1.49 -8.18
C HIS A 459 -35.34 -2.53 -9.28
N ASP A 460 -35.20 -2.09 -10.53
CA ASP A 460 -35.09 -3.06 -11.62
C ASP A 460 -33.74 -3.75 -11.55
N PHE A 461 -32.66 -2.98 -11.41
CA PHE A 461 -31.33 -3.60 -11.36
C PHE A 461 -31.08 -4.50 -10.13
N ILE A 462 -31.49 -4.02 -8.96
CA ILE A 462 -31.39 -4.78 -7.70
C ILE A 462 -32.11 -6.12 -7.78
N ILE A 463 -33.23 -6.14 -8.50
CA ILE A 463 -34.12 -7.30 -8.53
C ILE A 463 -33.60 -8.36 -9.53
N SER A 464 -32.75 -7.89 -10.43
CA SER A 464 -31.98 -8.71 -11.35
C SER A 464 -30.72 -9.22 -10.68
N LEU A 465 -30.72 -9.24 -9.35
CA LEU A 465 -29.61 -9.87 -8.63
C LEU A 465 -30.11 -11.16 -7.98
N PRO A 466 -29.28 -12.21 -8.02
CA PRO A 466 -29.50 -13.52 -7.40
C PRO A 466 -30.14 -13.47 -6.02
N GLU A 467 -29.75 -12.52 -5.16
CA GLU A 467 -30.39 -12.38 -3.85
C GLU A 467 -31.06 -11.01 -3.69
N GLY A 468 -31.27 -10.30 -4.80
CA GLY A 468 -31.96 -9.01 -4.80
C GLY A 468 -31.54 -8.03 -3.71
N TYR A 469 -32.48 -7.66 -2.84
CA TYR A 469 -32.14 -6.74 -1.76
C TYR A 469 -31.13 -7.28 -0.78
N ASP A 470 -31.19 -8.59 -0.54
CA ASP A 470 -30.30 -9.20 0.45
C ASP A 470 -28.99 -9.60 -0.21
N SER A 471 -28.80 -9.13 -1.45
CA SER A 471 -27.54 -9.26 -2.19
C SER A 471 -26.40 -8.66 -1.37
N ARG A 472 -25.14 -8.85 -1.76
CA ARG A 472 -24.02 -8.42 -0.91
C ARG A 472 -23.22 -7.19 -1.40
N VAL A 473 -23.17 -6.16 -0.56
CA VAL A 473 -22.36 -4.98 -0.83
C VAL A 473 -20.97 -5.17 -0.25
N GLU A 474 -19.96 -4.94 -1.07
CA GLU A 474 -18.58 -5.02 -0.60
C GLU A 474 -18.12 -3.63 -0.14
N ARG A 475 -16.97 -3.58 0.52
CA ARG A 475 -16.51 -2.35 1.16
C ARG A 475 -16.54 -1.11 0.27
N GLY A 476 -17.13 -0.04 0.80
CA GLY A 476 -17.11 1.27 0.16
C GLY A 476 -18.02 1.36 -1.05
N GLY A 477 -18.54 0.21 -1.47
CA GLY A 477 -19.40 0.12 -2.63
C GLY A 477 -18.61 -0.20 -3.88
N ARG A 478 -17.45 -0.84 -3.67
CA ARG A 478 -16.54 -1.17 -4.77
C ARG A 478 -17.12 -2.15 -5.82
N ASN A 479 -18.02 -3.03 -5.40
CA ASN A 479 -18.64 -3.95 -6.35
C ASN A 479 -19.63 -3.33 -7.36
N PHE A 480 -20.26 -2.19 -7.06
CA PHE A 480 -21.22 -1.60 -8.01
C PHE A 480 -20.64 -0.46 -8.83
N SER A 481 -21.31 -0.17 -9.97
CA SER A 481 -20.87 0.90 -10.85
C SER A 481 -21.23 2.25 -10.27
N GLY A 482 -20.55 3.30 -10.75
CA GLY A 482 -20.75 4.64 -10.24
C GLY A 482 -22.21 5.08 -10.27
N GLY A 483 -22.87 4.84 -11.40
CA GLY A 483 -24.25 5.22 -11.57
C GLY A 483 -25.18 4.41 -10.70
N GLN A 484 -24.76 3.19 -10.40
CA GLN A 484 -25.55 2.30 -9.56
C GLN A 484 -25.39 2.70 -8.11
N LYS A 485 -24.18 3.18 -7.77
CA LYS A 485 -23.90 3.78 -6.48
C LYS A 485 -24.67 5.11 -6.33
N GLN A 486 -24.64 5.92 -7.39
CA GLN A 486 -25.38 7.18 -7.39
C GLN A 486 -26.87 6.99 -7.06
N ARG A 487 -27.52 6.04 -7.71
CA ARG A 487 -28.95 5.86 -7.50
C ARG A 487 -29.23 5.10 -6.20
N LEU A 488 -28.36 4.16 -5.87
CA LEU A 488 -28.45 3.44 -4.59
C LEU A 488 -28.35 4.45 -3.45
N SER A 489 -27.53 5.49 -3.65
CA SER A 489 -27.39 6.55 -2.67
C SER A 489 -28.65 7.42 -2.62
N ILE A 490 -29.29 7.63 -3.78
CA ILE A 490 -30.53 8.42 -3.88
C ILE A 490 -31.66 7.68 -3.18
N ALA A 491 -31.74 6.38 -3.42
CA ALA A 491 -32.78 5.56 -2.84
C ALA A 491 -32.66 5.52 -1.32
N ARG A 492 -31.40 5.52 -0.83
CA ARG A 492 -31.09 5.54 0.60
C ARG A 492 -31.43 6.91 1.26
N ALA A 493 -31.29 7.98 0.48
CA ALA A 493 -31.71 9.32 0.91
C ALA A 493 -33.22 9.37 1.07
N LEU A 494 -33.92 8.74 0.14
CA LEU A 494 -35.37 8.84 0.07
C LEU A 494 -36.09 7.99 1.11
N VAL A 495 -35.44 6.95 1.63
CA VAL A 495 -36.07 6.17 2.69
C VAL A 495 -36.18 7.00 4.00
N LYS A 496 -35.22 7.92 4.19
CA LYS A 496 -35.15 8.81 5.38
C LYS A 496 -36.38 9.70 5.65
N LYS A 497 -37.20 9.95 4.63
CA LYS A 497 -38.21 11.01 4.67
C LYS A 497 -37.56 12.35 5.02
N PRO A 498 -36.66 12.85 4.17
CA PRO A 498 -36.02 14.12 4.52
C PRO A 498 -36.96 15.30 4.30
N LYS A 499 -36.83 16.36 5.11
CA LYS A 499 -37.61 17.57 4.87
C LYS A 499 -36.82 18.52 3.97
N VAL A 500 -35.50 18.50 4.09
CA VAL A 500 -34.68 19.12 3.05
C VAL A 500 -33.92 18.00 2.35
N LEU A 501 -33.83 18.09 1.02
CA LEU A 501 -33.12 17.07 0.23
C LEU A 501 -32.21 17.71 -0.82
N ILE A 502 -30.90 17.45 -0.70
CA ILE A 502 -29.91 18.13 -1.52
C ILE A 502 -29.23 17.13 -2.46
N LEU A 503 -29.48 17.25 -3.75
CA LEU A 503 -28.83 16.35 -4.71
C LEU A 503 -27.85 17.14 -5.56
N ASP A 504 -26.70 16.53 -5.88
CA ASP A 504 -25.75 17.18 -6.76
C ASP A 504 -25.81 16.47 -8.10
N ASP A 505 -26.44 17.13 -9.08
CA ASP A 505 -26.53 16.60 -10.44
C ASP A 505 -25.16 16.66 -11.12
N SER A 506 -24.28 17.51 -10.59
CA SER A 506 -22.86 17.42 -10.92
C SER A 506 -22.29 16.17 -10.21
N THR A 507 -21.28 15.49 -10.79
CA THR A 507 -20.61 15.86 -12.03
C THR A 507 -21.53 15.77 -13.26
N CYS A 508 -22.04 14.57 -13.52
CA CYS A 508 -22.98 14.30 -14.62
C CYS A 508 -23.18 12.80 -14.65
N SER A 509 -22.22 12.09 -14.06
CA SER A 509 -22.17 10.64 -14.09
C SER A 509 -23.08 10.02 -13.03
N VAL A 510 -24.03 9.21 -13.50
CA VAL A 510 -24.17 8.98 -14.93
C VAL A 510 -25.60 9.25 -15.41
N ASP A 511 -25.76 9.40 -16.72
CA ASP A 511 -27.07 9.54 -17.33
C ASP A 511 -27.22 8.65 -18.56
N PRO A 512 -28.33 7.90 -18.63
CA PRO A 512 -28.72 7.17 -19.84
C PRO A 512 -30.12 7.59 -20.29
N ILE A 513 -30.54 8.80 -19.87
CA ILE A 513 -31.91 9.36 -19.94
C ILE A 513 -32.70 9.11 -18.65
N THR A 514 -32.32 8.08 -17.91
CA THR A 514 -33.05 7.69 -16.70
C THR A 514 -32.93 8.74 -15.60
N GLU A 515 -32.00 9.67 -15.79
CA GLU A 515 -31.87 10.83 -14.91
C GLU A 515 -33.16 11.63 -14.85
N LYS A 516 -33.71 11.93 -16.02
CA LYS A 516 -34.91 12.74 -16.09
C LYS A 516 -36.08 12.00 -15.42
N ARG A 517 -36.08 10.67 -15.50
CA ARG A 517 -37.09 9.86 -14.85
C ARG A 517 -37.11 10.06 -13.33
N ILE A 518 -35.94 10.25 -12.75
CA ILE A 518 -35.80 10.41 -11.29
C ILE A 518 -36.39 11.73 -10.81
N LEU A 519 -36.00 12.83 -11.45
CA LEU A 519 -36.47 14.16 -11.05
C LEU A 519 -38.00 14.27 -11.20
N ASP A 520 -38.55 13.50 -12.13
CA ASP A 520 -39.99 13.45 -12.34
C ASP A 520 -40.69 12.76 -11.18
N GLY A 521 -40.08 11.68 -10.71
CA GLY A 521 -40.64 10.90 -9.62
C GLY A 521 -40.42 11.61 -8.30
N LEU A 522 -39.45 12.53 -8.26
CA LEU A 522 -39.13 13.25 -7.03
C LEU A 522 -40.28 14.18 -6.68
N LYS A 523 -40.71 14.98 -7.67
CA LYS A 523 -41.87 15.87 -7.54
C LYS A 523 -43.06 15.21 -6.83
N ARG A 524 -43.35 13.98 -7.22
CA ARG A 524 -44.40 13.16 -6.63
C ARG A 524 -44.24 12.87 -5.12
N TYR A 525 -43.01 12.88 -4.61
CA TYR A 525 -42.80 12.63 -3.17
C TYR A 525 -42.15 13.78 -2.38
N THR A 526 -41.42 14.67 -3.04
CA THR A 526 -41.00 15.90 -2.36
C THR A 526 -42.23 16.75 -1.92
N LYS A 527 -43.45 16.34 -2.31
CA LYS A 527 -44.66 16.99 -1.84
C LYS A 527 -44.64 17.15 -0.32
N GLY A 528 -44.47 18.40 0.13
CA GLY A 528 -44.26 18.69 1.54
C GLY A 528 -42.80 18.48 1.91
N SER A 529 -41.91 19.09 1.13
CA SER A 529 -40.46 18.98 1.35
C SER A 529 -39.65 19.83 0.36
N THR A 530 -38.67 20.54 0.91
CA THR A 530 -37.77 21.37 0.11
C THR A 530 -36.68 20.52 -0.53
N THR A 531 -36.28 20.92 -1.73
CA THR A 531 -35.35 20.13 -2.53
C THR A 531 -34.44 21.05 -3.32
N PHE A 532 -33.14 20.92 -3.09
CA PHE A 532 -32.16 21.65 -3.87
C PHE A 532 -31.57 20.64 -4.81
N ILE A 533 -31.10 21.10 -5.96
CA ILE A 533 -30.55 20.18 -6.93
C ILE A 533 -29.41 20.85 -7.65
N ILE A 534 -28.20 20.65 -7.11
CA ILE A 534 -27.02 21.38 -7.59
C ILE A 534 -26.56 20.85 -8.94
N THR A 535 -26.78 21.64 -9.97
CA THR A 535 -26.45 21.21 -11.33
C THR A 535 -25.64 22.26 -12.08
N GLN A 536 -25.04 21.85 -13.19
CA GLN A 536 -24.47 22.80 -14.14
C GLN A 536 -25.21 22.65 -15.47
N LYS A 537 -26.22 21.79 -15.47
CA LYS A 537 -27.03 21.56 -16.66
C LYS A 537 -28.27 22.45 -16.66
N ILE A 538 -28.50 23.16 -17.76
CA ILE A 538 -29.71 23.97 -17.92
C ILE A 538 -31.01 23.15 -17.88
N PRO A 539 -31.09 22.05 -18.66
CA PRO A 539 -32.34 21.27 -18.62
C PRO A 539 -32.66 20.71 -17.24
N THR A 540 -31.63 20.46 -16.45
CA THR A 540 -31.83 19.98 -15.08
C THR A 540 -32.42 21.11 -14.23
N ALA A 541 -32.11 22.35 -14.61
CA ALA A 541 -32.58 23.53 -13.88
C ALA A 541 -33.99 23.96 -14.28
N LEU A 542 -34.53 23.39 -15.36
CA LEU A 542 -35.83 23.78 -15.90
C LEU A 542 -36.99 23.05 -15.25
N LEU A 543 -36.74 21.88 -14.67
CA LEU A 543 -37.76 21.18 -13.89
C LEU A 543 -38.01 21.94 -12.59
N ALA A 544 -36.96 22.57 -12.06
CA ALA A 544 -37.03 23.37 -10.85
C ALA A 544 -37.94 24.60 -10.96
N ASP A 545 -38.77 24.81 -9.94
CA ASP A 545 -39.64 25.99 -9.79
C ASP A 545 -38.90 27.33 -9.76
N LYS A 546 -37.59 27.29 -9.55
CA LYS A 546 -36.82 28.52 -9.44
C LYS A 546 -35.36 28.13 -9.54
N ILE A 547 -34.53 29.06 -10.00
CA ILE A 547 -33.11 28.77 -10.17
C ILE A 547 -32.23 29.78 -9.42
N LEU A 548 -31.50 29.28 -8.41
CA LEU A 548 -30.43 30.06 -7.77
C LEU A 548 -29.18 29.88 -8.62
N VAL A 549 -28.59 30.99 -9.05
CA VAL A 549 -27.38 30.93 -9.85
C VAL A 549 -26.17 31.47 -9.08
N LEU A 550 -25.14 30.65 -8.93
CA LEU A 550 -23.94 31.10 -8.25
C LEU A 550 -22.83 31.33 -9.26
N HIS A 551 -22.16 32.47 -9.16
CA HIS A 551 -20.98 32.73 -9.97
C HIS A 551 -19.86 33.32 -9.13
N GLU A 552 -18.78 32.55 -8.99
CA GLU A 552 -17.61 32.96 -8.22
C GLU A 552 -17.93 33.33 -6.78
N GLY A 553 -18.86 32.61 -6.17
CA GLY A 553 -19.12 32.79 -4.76
C GLY A 553 -20.14 33.83 -4.40
N LYS A 554 -20.57 34.62 -5.38
CA LYS A 554 -21.67 35.54 -5.13
C LYS A 554 -22.91 35.11 -5.94
N VAL A 555 -24.08 35.27 -5.33
CA VAL A 555 -25.34 34.98 -6.00
C VAL A 555 -25.46 35.87 -7.23
N ALA A 556 -25.77 35.29 -8.37
CA ALA A 556 -25.89 36.04 -9.61
C ALA A 556 -27.34 36.36 -9.92
N GLY A 557 -28.23 35.42 -9.64
CA GLY A 557 -29.64 35.65 -9.83
C GLY A 557 -30.49 34.52 -9.25
N PHE A 558 -31.58 34.90 -8.58
CA PHE A 558 -32.47 33.92 -7.98
C PHE A 558 -33.88 34.11 -8.54
N GLY A 559 -34.25 33.27 -9.51
CA GLY A 559 -35.57 33.35 -10.11
C GLY A 559 -35.84 32.25 -11.13
N THR A 560 -36.67 32.56 -12.12
CA THR A 560 -37.02 31.60 -13.16
C THR A 560 -36.10 31.75 -14.37
N HIS A 561 -36.28 30.90 -15.37
CA HIS A 561 -35.44 30.92 -16.58
C HIS A 561 -35.51 32.28 -17.29
N LYS A 562 -36.73 32.80 -17.44
CA LYS A 562 -36.97 34.04 -18.20
C LYS A 562 -36.42 35.29 -17.52
N GLU A 563 -36.68 35.41 -16.22
CA GLU A 563 -36.13 36.52 -15.45
C GLU A 563 -34.62 36.46 -15.58
N LEU A 564 -34.06 35.29 -15.27
CA LEU A 564 -32.62 35.09 -15.27
C LEU A 564 -32.02 35.34 -16.64
N LEU A 565 -32.72 34.92 -17.68
CA LEU A 565 -32.27 35.14 -19.05
C LEU A 565 -32.04 36.63 -19.32
N GLU A 566 -32.84 37.49 -18.69
CA GLU A 566 -32.63 38.93 -18.80
C GLU A 566 -31.39 39.38 -18.02
N HIS A 567 -31.55 39.65 -16.73
CA HIS A 567 -30.46 40.18 -15.90
C HIS A 567 -29.22 39.29 -15.88
N SER A 568 -29.30 38.18 -15.15
CA SER A 568 -28.12 37.39 -14.77
C SER A 568 -27.17 37.04 -15.91
N LYS A 569 -26.22 37.95 -16.14
CA LYS A 569 -25.16 37.77 -17.11
C LYS A 569 -24.45 36.42 -16.98
N PRO A 570 -24.19 35.96 -15.74
CA PRO A 570 -23.69 34.59 -15.65
C PRO A 570 -24.64 33.54 -16.29
N TYR A 571 -25.95 33.70 -16.12
CA TYR A 571 -26.91 32.72 -16.63
C TYR A 571 -27.05 32.71 -18.15
N ARG A 572 -26.91 33.89 -18.77
CA ARG A 572 -26.91 33.96 -20.22
C ARG A 572 -25.67 33.26 -20.71
N GLU A 573 -24.53 33.57 -20.09
CA GLU A 573 -23.24 33.00 -20.47
C GLU A 573 -23.24 31.46 -20.37
N ILE A 574 -23.78 30.94 -19.28
CA ILE A 574 -23.93 29.50 -19.10
C ILE A 574 -24.86 28.93 -20.18
N TYR A 575 -26.00 29.59 -20.37
CA TYR A 575 -26.97 29.17 -21.36
C TYR A 575 -26.37 29.17 -22.75
N GLU A 576 -25.46 30.12 -23.00
CA GLU A 576 -24.79 30.18 -24.28
C GLU A 576 -23.81 29.02 -24.45
N SER A 577 -23.26 28.54 -23.35
CA SER A 577 -22.29 27.44 -23.39
C SER A 577 -22.94 26.10 -23.71
N GLN A 578 -24.20 25.94 -23.29
CA GLN A 578 -24.90 24.66 -23.43
C GLN A 578 -25.73 24.58 -24.71
N PHE A 579 -26.28 25.71 -25.16
CA PHE A 579 -27.12 25.75 -26.37
C PHE A 579 -26.48 26.60 -27.47
N GLY B 10 4.64 -13.29 7.50
CA GLY B 10 5.00 -14.11 8.65
C GLY B 10 5.02 -15.59 8.35
N PRO B 11 4.22 -16.37 9.10
CA PRO B 11 3.99 -17.80 8.85
C PRO B 11 3.45 -17.98 7.44
N ILE B 12 3.85 -19.05 6.78
CA ILE B 12 3.41 -19.29 5.42
C ILE B 12 2.02 -19.90 5.50
N LEU B 13 1.15 -19.55 4.56
CA LEU B 13 -0.24 -20.00 4.59
C LEU B 13 -0.37 -21.47 4.19
N GLU B 14 0.04 -21.77 2.97
CA GLU B 14 0.11 -23.13 2.46
C GLU B 14 1.34 -23.23 1.57
N LYS B 15 1.88 -24.44 1.44
CA LYS B 15 3.00 -24.69 0.54
C LYS B 15 2.57 -24.34 -0.89
N PRO B 16 3.48 -23.72 -1.66
CA PRO B 16 3.13 -23.25 -3.00
C PRO B 16 2.80 -24.39 -3.97
N ALA B 17 1.73 -24.24 -4.75
CA ALA B 17 1.39 -25.26 -5.75
C ALA B 17 2.23 -25.10 -7.02
N LEU B 18 3.44 -25.66 -7.01
CA LEU B 18 4.36 -25.53 -8.13
C LEU B 18 4.12 -26.58 -9.21
N LYS B 19 3.75 -26.10 -10.40
CA LYS B 19 3.48 -26.95 -11.56
C LYS B 19 4.80 -27.45 -12.19
N ASN B 20 5.30 -28.57 -11.69
CA ASN B 20 6.63 -29.09 -12.05
C ASN B 20 7.72 -28.06 -11.80
N PRO B 21 8.26 -28.04 -10.58
CA PRO B 21 9.28 -27.08 -10.16
C PRO B 21 10.62 -27.26 -10.87
N THR B 22 11.02 -28.50 -11.10
CA THR B 22 12.29 -28.82 -11.76
C THR B 22 12.41 -28.15 -13.13
N ALA B 23 11.29 -28.10 -13.85
CA ALA B 23 11.24 -27.44 -15.15
C ALA B 23 11.53 -25.95 -15.00
N THR B 24 10.81 -25.29 -14.09
CA THR B 24 10.99 -23.87 -13.82
C THR B 24 12.33 -23.60 -13.14
N LEU B 25 12.80 -24.58 -12.36
CA LEU B 25 14.11 -24.50 -11.73
C LEU B 25 15.21 -24.32 -12.78
N ARG B 26 15.21 -25.20 -13.78
CA ARG B 26 16.22 -25.18 -14.83
C ARG B 26 16.22 -23.85 -15.60
N ARG B 27 15.03 -23.38 -15.95
CA ARG B 27 14.88 -22.13 -16.69
C ARG B 27 15.42 -21.00 -15.83
N LEU B 28 15.18 -21.11 -14.52
CA LEU B 28 15.70 -20.14 -13.57
C LEU B 28 17.21 -20.28 -13.48
N LEU B 29 17.68 -21.52 -13.58
CA LEU B 29 19.12 -21.81 -13.54
C LEU B 29 19.83 -21.35 -14.81
N GLY B 30 19.08 -20.76 -15.75
CA GLY B 30 19.67 -20.24 -16.97
C GLY B 30 19.93 -18.75 -16.90
N TYR B 31 19.30 -18.07 -15.95
CA TYR B 31 19.46 -16.64 -15.83
C TYR B 31 20.83 -16.31 -15.23
N LEU B 32 21.35 -17.25 -14.43
CA LEU B 32 22.63 -17.08 -13.74
C LEU B 32 23.76 -17.92 -14.36
N ARG B 33 23.58 -18.33 -15.61
CA ARG B 33 24.63 -19.01 -16.38
C ARG B 33 25.78 -18.13 -16.87
N PRO B 34 25.52 -16.87 -17.30
CA PRO B 34 26.65 -16.06 -17.74
C PRO B 34 27.64 -15.68 -16.64
N HIS B 35 27.23 -15.80 -15.37
CA HIS B 35 28.16 -15.60 -14.26
C HIS B 35 28.37 -16.90 -13.47
N THR B 36 28.68 -17.99 -14.17
CA THR B 36 28.93 -19.29 -13.54
C THR B 36 30.24 -19.33 -12.79
N PHE B 37 31.32 -18.90 -13.44
CA PHE B 37 32.63 -18.90 -12.81
C PHE B 37 32.61 -18.07 -11.53
N THR B 38 31.96 -16.92 -11.60
CA THR B 38 31.87 -16.04 -10.44
C THR B 38 30.97 -16.67 -9.37
N LEU B 39 30.09 -17.58 -9.79
CA LEU B 39 29.17 -18.25 -8.87
C LEU B 39 29.85 -19.46 -8.22
N ILE B 40 30.78 -20.08 -8.94
CA ILE B 40 31.54 -21.19 -8.39
C ILE B 40 32.63 -20.67 -7.43
N MET B 41 33.22 -19.53 -7.78
CA MET B 41 34.21 -18.90 -6.92
C MET B 41 33.61 -18.69 -5.54
N VAL B 42 32.39 -18.16 -5.49
CA VAL B 42 31.72 -17.91 -4.21
C VAL B 42 31.44 -19.18 -3.42
N PHE B 43 30.96 -20.22 -4.12
CA PHE B 43 30.53 -21.43 -3.45
C PHE B 43 31.64 -22.23 -2.77
N VAL B 44 32.89 -21.83 -2.99
CA VAL B 44 33.98 -22.42 -2.23
C VAL B 44 34.43 -21.48 -1.10
N PHE B 45 34.11 -20.19 -1.24
CA PHE B 45 34.35 -19.23 -0.17
C PHE B 45 33.51 -19.61 1.03
N VAL B 46 32.20 -19.68 0.84
CA VAL B 46 31.30 -20.13 1.89
C VAL B 46 31.79 -21.43 2.53
N THR B 47 32.24 -22.37 1.67
CA THR B 47 32.78 -23.62 2.16
C THR B 47 33.91 -23.39 3.16
N VAL B 48 35.06 -22.89 2.68
CA VAL B 48 36.20 -22.64 3.56
C VAL B 48 35.89 -21.68 4.71
N SER B 49 34.96 -20.76 4.51
CA SER B 49 34.57 -19.89 5.61
C SER B 49 33.76 -20.69 6.63
N SER B 50 33.04 -21.69 6.15
CA SER B 50 32.20 -22.46 7.05
C SER B 50 33.03 -23.43 7.85
N ILE B 51 34.01 -24.01 7.18
CA ILE B 51 34.98 -24.91 7.80
C ILE B 51 35.85 -24.16 8.81
N LEU B 52 36.48 -23.07 8.37
CA LEU B 52 37.20 -22.17 9.27
C LEU B 52 36.36 -21.76 10.47
N GLY B 53 35.05 -21.77 10.31
CA GLY B 53 34.15 -21.49 11.40
C GLY B 53 34.15 -22.62 12.41
N VAL B 54 33.95 -23.84 11.94
CA VAL B 54 33.92 -25.00 12.85
C VAL B 54 35.31 -25.31 13.41
N LEU B 55 36.34 -24.70 12.85
CA LEU B 55 37.69 -24.89 13.36
C LEU B 55 37.97 -24.13 14.65
N SER B 56 37.61 -22.84 14.67
CA SER B 56 37.95 -21.98 15.80
C SER B 56 37.60 -22.54 17.19
N PRO B 57 36.43 -23.15 17.36
CA PRO B 57 36.18 -23.79 18.66
C PRO B 57 37.10 -25.01 18.93
N TYR B 58 37.62 -25.64 17.87
CA TYR B 58 38.54 -26.76 18.01
C TYR B 58 39.92 -26.31 18.45
N LEU B 59 40.37 -25.19 17.90
CA LEU B 59 41.67 -24.60 18.17
C LEU B 59 41.77 -24.04 19.56
N ILE B 60 40.69 -23.43 20.04
CA ILE B 60 40.65 -22.94 21.39
C ILE B 60 40.72 -24.13 22.36
N GLY B 61 40.25 -25.30 21.93
CA GLY B 61 40.37 -26.49 22.73
C GLY B 61 41.83 -26.88 22.91
N LYS B 62 42.55 -27.00 21.78
CA LYS B 62 43.99 -27.14 21.76
C LYS B 62 44.63 -26.06 22.64
N THR B 63 44.71 -24.82 22.17
CA THR B 63 45.24 -23.69 22.96
C THR B 63 45.01 -23.82 24.46
N ILE B 64 43.86 -24.35 24.85
CA ILE B 64 43.65 -24.69 26.24
C ILE B 64 44.47 -25.93 26.65
N ASP B 65 44.34 -27.01 25.88
CA ASP B 65 45.05 -28.27 26.14
C ASP B 65 46.58 -28.17 26.04
N VAL B 66 47.04 -27.28 25.16
CA VAL B 66 48.43 -27.15 24.76
C VAL B 66 49.13 -26.04 25.50
N VAL B 67 48.61 -24.82 25.43
CA VAL B 67 49.30 -23.70 26.06
C VAL B 67 48.90 -23.55 27.52
N PHE B 68 47.62 -23.69 27.81
CA PHE B 68 47.12 -23.31 29.13
C PHE B 68 47.31 -24.33 30.25
N VAL B 69 46.83 -25.55 30.06
CA VAL B 69 46.95 -26.58 31.09
C VAL B 69 48.42 -26.95 31.42
N PRO B 70 49.24 -27.23 30.39
CA PRO B 70 50.61 -27.53 30.79
C PRO B 70 51.48 -26.27 30.73
N ARG B 71 50.91 -25.16 31.18
CA ARG B 71 51.65 -23.91 31.38
C ARG B 71 52.63 -23.44 30.27
N ARG B 72 52.84 -24.23 29.22
CA ARG B 72 53.78 -23.88 28.14
C ARG B 72 53.41 -22.62 27.33
N PHE B 73 53.38 -21.47 28.02
CA PHE B 73 53.01 -20.18 27.44
C PHE B 73 54.02 -19.60 26.46
N ASP B 74 54.99 -20.41 26.03
CA ASP B 74 55.89 -19.98 24.97
C ASP B 74 55.23 -20.35 23.63
N LEU B 75 54.56 -21.48 23.61
CA LEU B 75 53.76 -21.87 22.47
C LEU B 75 52.53 -20.94 22.24
N LEU B 76 52.29 -20.03 23.18
CA LEU B 76 51.10 -19.19 23.11
C LEU B 76 50.95 -18.38 21.81
N PRO B 77 51.90 -17.47 21.52
CA PRO B 77 51.71 -16.60 20.35
C PRO B 77 51.71 -17.34 19.00
N ARG B 78 52.09 -18.62 18.98
CA ARG B 78 52.02 -19.44 17.77
C ARG B 78 50.57 -19.80 17.49
N TYR B 79 49.84 -20.12 18.56
CA TYR B 79 48.42 -20.39 18.47
C TYR B 79 47.64 -19.11 18.19
N MET B 80 47.88 -18.06 18.99
CA MET B 80 47.18 -16.79 18.83
C MET B 80 47.56 -16.05 17.57
N LEU B 81 48.36 -16.68 16.73
CA LEU B 81 48.61 -16.11 15.41
C LEU B 81 47.84 -16.96 14.42
N ILE B 82 47.77 -18.26 14.69
CA ILE B 82 46.92 -19.17 13.93
C ILE B 82 45.45 -18.75 13.95
N LEU B 83 44.86 -18.59 15.14
CA LEU B 83 43.49 -18.08 15.25
C LEU B 83 43.41 -16.72 14.60
N GLY B 84 44.08 -15.75 15.20
CA GLY B 84 44.07 -14.37 14.74
C GLY B 84 44.13 -14.14 13.24
N THR B 85 44.59 -15.13 12.49
CA THR B 85 44.62 -15.02 11.05
C THR B 85 43.37 -15.67 10.44
N ILE B 86 43.01 -16.83 10.97
CA ILE B 86 41.76 -17.54 10.66
C ILE B 86 40.52 -16.66 10.85
N TYR B 87 40.47 -15.98 11.97
CA TYR B 87 39.50 -14.93 12.17
C TYR B 87 39.54 -13.96 10.98
N ALA B 88 40.66 -13.29 10.77
CA ALA B 88 40.79 -12.32 9.68
C ALA B 88 40.37 -12.84 8.30
N LEU B 89 40.60 -14.12 8.04
CA LEU B 89 40.18 -14.70 6.78
C LEU B 89 38.69 -14.97 6.77
N THR B 90 38.19 -15.48 7.90
CA THR B 90 36.77 -15.75 8.04
C THR B 90 35.96 -14.50 7.66
N SER B 91 36.30 -13.36 8.27
CA SER B 91 35.69 -12.07 7.93
C SER B 91 36.17 -11.49 6.60
N LEU B 92 37.08 -12.20 5.93
CA LEU B 92 37.53 -11.77 4.61
C LEU B 92 36.65 -12.44 3.55
N LEU B 93 36.19 -13.65 3.86
CA LEU B 93 35.28 -14.39 2.99
C LEU B 93 33.82 -13.92 3.09
N PHE B 94 33.35 -13.77 4.32
CA PHE B 94 32.05 -13.19 4.60
C PHE B 94 31.88 -11.92 3.80
N TRP B 95 32.93 -11.10 3.76
CA TRP B 95 32.88 -9.89 2.95
C TRP B 95 32.74 -10.22 1.46
N LEU B 96 33.61 -11.07 0.94
CA LEU B 96 33.58 -11.38 -0.47
C LEU B 96 32.36 -12.21 -0.85
N GLN B 97 32.08 -13.28 -0.10
CA GLN B 97 30.93 -14.13 -0.40
C GLN B 97 29.60 -13.43 -0.11
N GLY B 98 29.66 -12.10 -0.04
CA GLY B 98 28.50 -11.27 0.15
C GLY B 98 28.56 -10.12 -0.84
N LYS B 99 29.68 -9.41 -0.90
CA LYS B 99 29.85 -8.32 -1.85
C LYS B 99 29.78 -8.84 -3.28
N ILE B 100 30.34 -10.01 -3.54
CA ILE B 100 30.21 -10.61 -4.86
C ILE B 100 28.74 -10.91 -5.15
N MET B 101 28.06 -11.54 -4.20
CA MET B 101 26.66 -11.91 -4.36
C MET B 101 25.75 -10.71 -4.52
N LEU B 102 26.17 -9.58 -3.98
CA LEU B 102 25.37 -8.36 -4.08
C LEU B 102 25.18 -7.93 -5.52
N THR B 103 26.29 -7.69 -6.23
CA THR B 103 26.21 -7.23 -7.61
C THR B 103 25.63 -8.31 -8.50
N LEU B 104 25.93 -9.56 -8.21
CA LEU B 104 25.45 -10.66 -9.04
C LEU B 104 23.93 -10.77 -8.98
N SER B 105 23.36 -10.73 -7.78
CA SER B 105 21.92 -10.91 -7.60
C SER B 105 21.15 -9.66 -7.99
N GLN B 106 21.77 -8.50 -7.80
CA GLN B 106 21.18 -7.23 -8.18
C GLN B 106 21.21 -7.06 -9.70
N ASP B 107 21.99 -7.90 -10.38
CA ASP B 107 22.03 -7.91 -11.83
C ASP B 107 20.90 -8.77 -12.38
N VAL B 108 20.71 -9.97 -11.83
CA VAL B 108 19.65 -10.89 -12.27
C VAL B 108 18.25 -10.26 -12.28
N VAL B 109 17.86 -9.64 -11.17
CA VAL B 109 16.55 -9.01 -11.10
C VAL B 109 16.45 -7.71 -11.90
N PHE B 110 17.59 -7.16 -12.32
CA PHE B 110 17.57 -5.97 -13.20
C PHE B 110 17.02 -6.41 -14.53
N ARG B 111 17.46 -7.58 -14.97
CA ARG B 111 17.01 -8.14 -16.24
C ARG B 111 15.51 -8.44 -16.20
N LEU B 112 15.05 -9.14 -15.16
CA LEU B 112 13.65 -9.53 -15.05
C LEU B 112 12.73 -8.30 -15.02
N ARG B 113 13.23 -7.20 -14.47
CA ARG B 113 12.48 -5.96 -14.54
C ARG B 113 12.36 -5.46 -15.98
N LYS B 114 13.47 -5.53 -16.72
CA LYS B 114 13.46 -5.21 -18.14
C LYS B 114 12.46 -6.09 -18.86
N GLU B 115 12.66 -7.40 -18.76
CA GLU B 115 11.83 -8.38 -19.47
C GLU B 115 10.34 -8.25 -19.15
N LEU B 116 10.01 -8.13 -17.86
CA LEU B 116 8.63 -7.97 -17.46
C LEU B 116 8.02 -6.72 -18.06
N PHE B 117 8.72 -5.60 -17.87
CA PHE B 117 8.21 -4.30 -18.32
C PHE B 117 8.04 -4.24 -19.82
N GLU B 118 8.84 -5.00 -20.55
CA GLU B 118 8.68 -5.05 -22.00
C GLU B 118 7.41 -5.82 -22.39
N LYS B 119 7.19 -6.97 -21.75
CA LYS B 119 5.97 -7.74 -21.96
C LYS B 119 4.75 -6.89 -21.67
N LEU B 120 4.88 -6.01 -20.70
CA LEU B 120 3.82 -5.06 -20.40
C LEU B 120 3.49 -4.27 -21.66
N GLN B 121 4.54 -3.88 -22.38
CA GLN B 121 4.38 -3.09 -23.60
C GLN B 121 3.78 -3.89 -24.77
N ARG B 122 3.83 -5.22 -24.67
CA ARG B 122 3.48 -6.08 -25.78
C ARG B 122 2.17 -6.83 -25.57
N VAL B 123 1.89 -7.15 -24.30
CA VAL B 123 0.72 -7.95 -23.96
C VAL B 123 -0.58 -7.21 -24.37
N PRO B 124 -1.60 -7.96 -24.81
CA PRO B 124 -2.92 -7.43 -25.11
C PRO B 124 -3.45 -6.48 -24.04
N VAL B 125 -4.18 -5.45 -24.45
CA VAL B 125 -4.78 -4.50 -23.53
C VAL B 125 -5.86 -5.18 -22.66
N GLY B 126 -6.12 -6.46 -22.91
CA GLY B 126 -7.14 -7.19 -22.17
C GLY B 126 -6.72 -7.57 -20.76
N PHE B 127 -5.48 -8.02 -20.63
CA PHE B 127 -4.90 -8.39 -19.33
C PHE B 127 -4.91 -7.21 -18.36
N PHE B 128 -4.73 -6.00 -18.90
CA PHE B 128 -4.77 -4.79 -18.11
C PHE B 128 -6.21 -4.52 -17.70
N ASP B 129 -7.10 -4.56 -18.69
CA ASP B 129 -8.52 -4.25 -18.51
C ASP B 129 -9.25 -5.21 -17.57
N ARG B 130 -8.76 -6.43 -17.46
CA ARG B 130 -9.46 -7.45 -16.67
C ARG B 130 -9.17 -7.38 -15.17
N THR B 131 -7.90 -7.23 -14.81
CA THR B 131 -7.50 -7.21 -13.40
C THR B 131 -7.05 -5.82 -12.94
N PRO B 132 -7.35 -5.45 -11.68
CA PRO B 132 -6.96 -4.14 -11.14
C PRO B 132 -5.45 -3.92 -11.25
N HIS B 133 -5.04 -2.68 -11.40
CA HIS B 133 -3.64 -2.39 -11.66
C HIS B 133 -2.76 -2.68 -10.44
N GLY B 134 -3.22 -2.23 -9.28
CA GLY B 134 -2.53 -2.47 -8.03
C GLY B 134 -2.22 -3.92 -7.78
N ASP B 135 -3.24 -4.77 -7.86
CA ASP B 135 -3.08 -6.21 -7.60
C ASP B 135 -2.04 -6.89 -8.49
N ILE B 136 -1.77 -6.30 -9.65
CA ILE B 136 -0.80 -6.89 -10.57
C ILE B 136 0.63 -6.42 -10.28
N ILE B 137 0.79 -5.13 -10.02
CA ILE B 137 2.08 -4.58 -9.59
C ILE B 137 2.49 -5.20 -8.24
N SER B 138 1.54 -5.22 -7.32
CA SER B 138 1.73 -5.79 -5.97
C SER B 138 2.22 -7.23 -5.99
N ARG B 139 1.61 -8.05 -6.86
CA ARG B 139 1.96 -9.47 -6.92
C ARG B 139 3.20 -9.70 -7.77
N VAL B 140 3.44 -8.84 -8.75
CA VAL B 140 4.65 -8.97 -9.57
C VAL B 140 5.89 -8.51 -8.79
N ILE B 141 5.80 -7.32 -8.22
CA ILE B 141 6.91 -6.76 -7.46
C ILE B 141 7.26 -7.58 -6.21
N ASN B 142 6.28 -8.28 -5.64
CA ASN B 142 6.58 -9.18 -4.54
C ASN B 142 7.19 -10.47 -5.03
N ASP B 143 6.71 -10.95 -6.17
CA ASP B 143 7.27 -12.18 -6.72
C ASP B 143 8.68 -11.97 -7.25
N VAL B 144 9.06 -10.71 -7.46
CA VAL B 144 10.42 -10.41 -7.92
C VAL B 144 11.35 -10.26 -6.72
N ASP B 145 10.88 -9.56 -5.68
CA ASP B 145 11.66 -9.43 -4.46
C ASP B 145 11.93 -10.80 -3.84
N ASN B 146 10.93 -11.68 -3.88
CA ASN B 146 11.14 -13.04 -3.38
C ASN B 146 12.26 -13.79 -4.13
N ILE B 147 12.43 -13.46 -5.42
CA ILE B 147 13.46 -14.06 -6.24
C ILE B 147 14.81 -13.49 -5.82
N ASN B 148 14.89 -12.17 -5.76
CA ASN B 148 16.10 -11.48 -5.33
C ASN B 148 16.60 -11.95 -3.97
N ASN B 149 15.74 -11.83 -2.96
CA ASN B 149 16.12 -12.18 -1.59
C ASN B 149 16.73 -13.57 -1.43
N VAL B 150 16.08 -14.59 -1.97
CA VAL B 150 16.57 -15.96 -1.87
C VAL B 150 17.90 -16.12 -2.61
N LEU B 151 17.97 -15.55 -3.81
CA LEU B 151 19.19 -15.62 -4.62
C LEU B 151 20.41 -14.97 -3.95
N GLY B 152 20.24 -13.74 -3.46
CA GLY B 152 21.34 -13.00 -2.86
C GLY B 152 21.45 -13.13 -1.34
N ASN B 153 20.97 -14.25 -0.81
CA ASN B 153 21.10 -14.52 0.62
C ASN B 153 20.76 -15.96 0.99
N SER B 154 19.46 -16.25 1.07
CA SER B 154 18.97 -17.51 1.61
C SER B 154 19.55 -18.78 0.98
N ILE B 155 20.08 -18.65 -0.24
CA ILE B 155 20.75 -19.78 -0.90
C ILE B 155 22.07 -20.08 -0.21
N ILE B 156 22.95 -19.08 -0.17
CA ILE B 156 24.23 -19.23 0.49
C ILE B 156 24.07 -19.38 2.00
N GLN B 157 23.04 -18.77 2.58
CA GLN B 157 22.79 -18.92 4.01
C GLN B 157 22.36 -20.35 4.32
N PHE B 158 21.66 -20.98 3.39
CA PHE B 158 21.26 -22.38 3.55
C PHE B 158 22.46 -23.28 3.38
N PHE B 159 23.14 -23.14 2.25
CA PHE B 159 24.27 -23.99 1.89
C PHE B 159 25.34 -23.92 2.94
N SER B 160 25.72 -22.69 3.33
CA SER B 160 26.69 -22.49 4.38
C SER B 160 26.33 -23.35 5.61
N GLY B 161 25.19 -23.07 6.22
CA GLY B 161 24.75 -23.88 7.36
C GLY B 161 24.72 -25.40 7.21
N ILE B 162 24.84 -25.91 5.99
CA ILE B 162 24.91 -27.37 5.77
C ILE B 162 26.33 -27.85 6.04
N VAL B 163 27.27 -27.13 5.44
CA VAL B 163 28.68 -27.32 5.68
C VAL B 163 28.94 -27.22 7.18
N THR B 164 28.75 -26.02 7.72
CA THR B 164 28.91 -25.72 9.14
C THR B 164 28.24 -26.74 10.07
N LEU B 165 27.08 -27.24 9.66
CA LEU B 165 26.42 -28.29 10.43
C LEU B 165 27.21 -29.60 10.34
N ALA B 166 27.34 -30.16 9.14
CA ALA B 166 28.05 -31.43 8.97
C ALA B 166 29.49 -31.31 9.46
N GLY B 167 30.15 -30.21 9.10
CA GLY B 167 31.47 -29.90 9.62
C GLY B 167 31.51 -30.13 11.11
N ALA B 168 30.84 -29.26 11.85
CA ALA B 168 30.85 -29.31 13.32
C ALA B 168 30.38 -30.65 13.90
N VAL B 169 29.83 -31.52 13.08
CA VAL B 169 29.34 -32.82 13.54
C VAL B 169 30.43 -33.87 13.31
N ILE B 170 30.95 -33.90 12.09
CA ILE B 170 32.11 -34.71 11.70
C ILE B 170 33.22 -34.58 12.77
N MET B 171 33.66 -33.34 13.00
CA MET B 171 34.70 -33.08 13.98
C MET B 171 34.27 -33.56 15.37
N MET B 172 33.06 -33.18 15.77
CA MET B 172 32.57 -33.49 17.12
C MET B 172 32.68 -34.97 17.45
N PHE B 173 32.31 -35.82 16.50
CA PHE B 173 32.34 -37.27 16.69
C PHE B 173 33.77 -37.86 16.71
N ARG B 174 34.68 -37.31 15.91
CA ARG B 174 36.03 -37.85 15.82
C ARG B 174 36.92 -37.44 17.02
N VAL B 175 36.43 -36.51 17.84
CA VAL B 175 37.06 -36.19 19.13
C VAL B 175 36.52 -37.12 20.20
N ASN B 176 35.21 -37.16 20.33
CA ASN B 176 34.56 -38.02 21.31
C ASN B 176 33.12 -38.36 20.91
N VAL B 177 32.74 -39.63 21.05
CA VAL B 177 31.41 -40.07 20.67
C VAL B 177 30.43 -39.90 21.82
N ILE B 178 30.80 -40.39 23.00
CA ILE B 178 29.93 -40.33 24.17
C ILE B 178 29.35 -38.93 24.34
N LEU B 179 30.24 -37.92 24.37
CA LEU B 179 29.83 -36.53 24.52
C LEU B 179 29.04 -36.07 23.30
N SER B 180 29.41 -36.55 22.12
CA SER B 180 28.70 -36.17 20.92
C SER B 180 27.22 -36.57 21.02
N LEU B 181 26.97 -37.76 21.56
CA LEU B 181 25.60 -38.23 21.72
C LEU B 181 24.87 -37.52 22.85
N VAL B 182 25.61 -36.96 23.79
CA VAL B 182 24.99 -36.16 24.83
C VAL B 182 24.52 -34.81 24.28
N THR B 183 25.35 -34.15 23.47
CA THR B 183 24.98 -32.81 22.99
C THR B 183 23.96 -32.83 21.84
N LEU B 184 24.03 -33.86 21.00
CA LEU B 184 23.06 -33.99 19.91
C LEU B 184 21.71 -34.45 20.42
N SER B 185 21.58 -34.70 21.72
CA SER B 185 20.28 -35.08 22.24
C SER B 185 19.39 -33.85 22.52
N ILE B 186 19.84 -32.68 22.07
CA ILE B 186 18.97 -31.49 22.04
C ILE B 186 18.29 -31.30 20.67
N VAL B 187 18.90 -31.86 19.62
CA VAL B 187 18.26 -31.85 18.30
C VAL B 187 16.87 -32.52 18.28
N PRO B 188 16.68 -33.56 19.09
CA PRO B 188 15.28 -33.98 19.28
C PRO B 188 14.46 -32.93 20.04
N LEU B 189 15.04 -32.27 21.04
CA LEU B 189 14.28 -31.27 21.77
C LEU B 189 13.95 -30.10 20.84
N THR B 190 14.97 -29.44 20.33
CA THR B 190 14.79 -28.31 19.39
C THR B 190 13.69 -28.50 18.36
N VAL B 191 13.69 -29.64 17.66
CA VAL B 191 12.75 -29.86 16.57
C VAL B 191 11.34 -30.18 17.08
N LEU B 192 11.24 -30.81 18.24
CA LEU B 192 9.94 -31.07 18.86
C LEU B 192 9.31 -29.79 19.36
N ILE B 193 10.09 -28.99 20.07
CA ILE B 193 9.61 -27.71 20.54
C ILE B 193 9.19 -26.88 19.35
N THR B 194 10.13 -26.57 18.45
CA THR B 194 9.90 -25.63 17.36
C THR B 194 8.62 -25.91 16.60
N GLN B 195 8.37 -27.17 16.28
CA GLN B 195 7.20 -27.49 15.49
C GLN B 195 5.87 -27.33 16.25
N ILE B 196 5.78 -27.80 17.49
CA ILE B 196 4.62 -27.54 18.34
C ILE B 196 4.32 -26.04 18.34
N VAL B 197 5.31 -25.27 18.78
CA VAL B 197 5.22 -23.82 18.79
C VAL B 197 4.94 -23.21 17.41
N SER B 198 5.50 -23.79 16.35
CA SER B 198 5.23 -23.22 15.03
C SER B 198 3.86 -23.60 14.44
N SER B 199 3.21 -24.60 15.02
CA SER B 199 1.80 -24.83 14.69
C SER B 199 0.94 -23.68 15.23
N GLN B 200 0.77 -23.66 16.55
CA GLN B 200 0.05 -22.63 17.28
C GLN B 200 0.28 -21.20 16.78
N THR B 201 1.52 -20.86 16.41
CA THR B 201 1.80 -19.52 15.88
C THR B 201 1.03 -19.22 14.62
N ARG B 202 1.28 -20.02 13.58
CA ARG B 202 0.57 -19.89 12.30
C ARG B 202 -0.95 -19.95 12.44
N LYS B 203 -1.47 -20.81 13.31
CA LYS B 203 -2.91 -20.90 13.51
C LYS B 203 -3.44 -19.54 13.88
N TYR B 204 -2.87 -19.03 14.97
CA TYR B 204 -3.30 -17.80 15.61
C TYR B 204 -2.90 -16.57 14.82
N PHE B 205 -1.79 -16.64 14.11
CA PHE B 205 -1.35 -15.53 13.26
C PHE B 205 -2.44 -15.17 12.31
N TYR B 206 -3.01 -16.21 11.70
CA TYR B 206 -4.09 -16.05 10.74
C TYR B 206 -5.42 -15.63 11.41
N GLU B 207 -5.82 -16.41 12.43
CA GLU B 207 -7.00 -16.11 13.21
C GLU B 207 -7.06 -14.63 13.55
N ASN B 208 -5.91 -14.10 13.92
CA ASN B 208 -5.73 -12.69 14.21
C ASN B 208 -5.77 -11.82 12.94
N GLN B 209 -5.09 -12.26 11.88
CA GLN B 209 -4.98 -11.51 10.62
C GLN B 209 -6.34 -11.32 10.00
N ARG B 210 -7.22 -12.26 10.31
CA ARG B 210 -8.63 -12.18 9.97
C ARG B 210 -9.22 -11.01 10.70
N VAL B 211 -9.45 -11.19 12.01
CA VAL B 211 -10.16 -10.20 12.82
C VAL B 211 -9.59 -8.81 12.55
N LEU B 212 -8.28 -8.70 12.51
CA LEU B 212 -7.63 -7.41 12.28
C LEU B 212 -7.90 -6.77 10.90
N GLY B 213 -8.01 -7.56 9.86
CA GLY B 213 -8.24 -6.97 8.55
C GLY B 213 -9.68 -6.49 8.42
N GLN B 214 -10.54 -7.14 9.19
CA GLN B 214 -11.92 -6.75 9.30
C GLN B 214 -11.97 -5.40 9.99
N LEU B 215 -11.25 -5.31 11.10
CA LEU B 215 -11.17 -4.07 11.85
C LEU B 215 -10.70 -2.90 11.00
N ASN B 216 -9.67 -3.08 10.18
CA ASN B 216 -9.16 -1.98 9.37
C ASN B 216 -10.07 -1.67 8.22
N GLY B 217 -11.00 -2.58 7.96
CA GLY B 217 -11.99 -2.36 6.95
C GLY B 217 -12.93 -1.33 7.51
N ILE B 218 -13.54 -1.65 8.66
CA ILE B 218 -14.41 -0.72 9.38
C ILE B 218 -13.75 0.65 9.54
N ILE B 219 -12.44 0.67 9.74
CA ILE B 219 -11.68 1.89 9.97
C ILE B 219 -11.48 2.69 8.68
N GLU B 220 -11.05 2.02 7.62
CA GLU B 220 -10.80 2.71 6.36
C GLU B 220 -12.10 3.13 5.71
N GLU B 221 -13.13 2.31 5.84
CA GLU B 221 -14.39 2.64 5.19
C GLU B 221 -15.13 3.78 5.87
N ASP B 222 -15.14 3.76 7.21
CA ASP B 222 -15.78 4.83 8.01
C ASP B 222 -15.10 6.20 7.93
N ILE B 223 -13.79 6.20 7.74
CA ILE B 223 -13.07 7.45 7.60
C ILE B 223 -13.31 8.03 6.22
N SER B 224 -13.39 7.17 5.21
CA SER B 224 -13.68 7.62 3.84
C SER B 224 -15.07 8.24 3.72
N GLY B 225 -16.07 7.53 4.20
CA GLY B 225 -17.43 8.03 4.15
C GLY B 225 -17.85 8.52 5.51
N LEU B 226 -17.02 9.39 6.08
CA LEU B 226 -17.33 10.00 7.37
C LEU B 226 -18.54 10.91 7.22
N THR B 227 -18.45 11.78 6.21
CA THR B 227 -19.51 12.69 5.80
C THR B 227 -20.87 11.99 5.84
N VAL B 228 -20.89 10.78 5.30
CA VAL B 228 -22.09 9.98 5.25
C VAL B 228 -22.48 9.38 6.61
N ILE B 229 -21.53 9.19 7.51
CA ILE B 229 -21.85 8.64 8.82
C ILE B 229 -22.58 9.65 9.70
N LYS B 230 -22.17 10.91 9.65
CA LYS B 230 -22.82 11.97 10.43
C LYS B 230 -24.21 12.29 9.87
N LEU B 231 -24.29 12.48 8.56
CA LEU B 231 -25.54 12.76 7.89
C LEU B 231 -26.63 11.77 8.27
N PHE B 232 -26.26 10.57 8.66
CA PHE B 232 -27.25 9.55 9.02
C PHE B 232 -27.23 9.24 10.53
N THR B 233 -26.39 9.98 11.24
CA THR B 233 -26.30 9.84 12.69
C THR B 233 -25.74 8.50 13.18
N ARG B 234 -25.14 7.75 12.25
CA ARG B 234 -24.66 6.37 12.49
C ARG B 234 -23.56 6.23 13.52
N GLU B 235 -23.09 7.32 14.12
CA GLU B 235 -21.96 7.26 15.07
C GLU B 235 -22.07 6.19 16.15
N GLU B 236 -23.15 6.16 16.92
CA GLU B 236 -23.30 5.13 17.97
C GLU B 236 -23.29 3.71 17.43
N LYS B 237 -23.91 3.52 16.27
CA LYS B 237 -24.00 2.20 15.63
C LYS B 237 -22.69 1.79 15.01
N GLU B 238 -21.97 2.74 14.41
CA GLU B 238 -20.63 2.43 13.91
C GLU B 238 -19.68 2.14 15.07
N MET B 239 -19.82 2.91 16.15
CA MET B 239 -19.01 2.70 17.33
C MET B 239 -19.20 1.29 17.89
N GLU B 240 -20.45 0.85 17.97
CA GLU B 240 -20.76 -0.47 18.50
C GLU B 240 -20.25 -1.59 17.60
N LYS B 241 -20.11 -1.31 16.31
CA LYS B 241 -19.68 -2.32 15.35
C LYS B 241 -18.20 -2.49 15.45
N PHE B 242 -17.49 -1.36 15.49
CA PHE B 242 -16.09 -1.33 15.89
C PHE B 242 -15.92 -2.07 17.21
N ASP B 243 -16.47 -1.55 18.30
CA ASP B 243 -16.34 -2.19 19.61
C ASP B 243 -16.42 -3.72 19.60
N ARG B 244 -17.39 -4.27 18.90
CA ARG B 244 -17.51 -5.71 18.96
C ARG B 244 -16.30 -6.42 18.30
N VAL B 245 -15.79 -5.85 17.21
CA VAL B 245 -14.64 -6.39 16.48
C VAL B 245 -13.31 -6.13 17.21
N ASN B 246 -13.27 -5.04 17.98
CA ASN B 246 -12.07 -4.70 18.74
C ASN B 246 -11.88 -5.61 19.96
N GLU B 247 -12.95 -5.92 20.69
CA GLU B 247 -12.81 -6.80 21.86
C GLU B 247 -12.51 -8.21 21.38
N SER B 248 -12.96 -8.51 20.17
CA SER B 248 -12.59 -9.74 19.51
C SER B 248 -11.08 -9.74 19.26
N LEU B 249 -10.62 -8.75 18.49
CA LEU B 249 -9.20 -8.56 18.19
C LEU B 249 -8.37 -8.53 19.45
N ARG B 250 -8.94 -8.01 20.52
CA ARG B 250 -8.19 -7.86 21.78
C ARG B 250 -7.76 -9.23 22.31
N LYS B 251 -8.63 -10.22 22.13
CA LYS B 251 -8.42 -11.54 22.71
C LYS B 251 -7.52 -12.46 21.84
N VAL B 252 -7.59 -12.26 20.53
CA VAL B 252 -6.87 -13.08 19.56
C VAL B 252 -5.47 -12.54 19.40
N GLY B 253 -5.38 -11.23 19.23
CA GLY B 253 -4.10 -10.55 19.12
C GLY B 253 -3.16 -10.91 20.25
N THR B 254 -3.72 -11.16 21.42
CA THR B 254 -2.94 -11.66 22.54
C THR B 254 -2.47 -13.08 22.27
N LYS B 255 -3.38 -13.98 21.86
CA LYS B 255 -2.96 -15.35 21.57
C LYS B 255 -1.94 -15.41 20.47
N ALA B 256 -2.15 -14.61 19.43
CA ALA B 256 -1.20 -14.51 18.33
C ALA B 256 0.17 -13.95 18.74
N GLN B 257 0.24 -13.24 19.85
CA GLN B 257 1.43 -12.51 20.21
C GLN B 257 2.35 -13.26 21.17
N ILE B 258 1.71 -13.98 22.09
CA ILE B 258 2.34 -14.95 22.95
C ILE B 258 3.05 -15.97 22.07
N PHE B 259 2.27 -16.73 21.32
CA PHE B 259 2.81 -17.84 20.52
C PHE B 259 3.80 -17.47 19.44
N SER B 260 3.96 -16.19 19.13
CA SER B 260 4.97 -15.82 18.16
C SER B 260 6.22 -15.30 18.81
N GLY B 261 6.20 -15.16 20.13
CA GLY B 261 7.34 -14.63 20.86
C GLY B 261 7.86 -15.54 21.95
N VAL B 262 7.39 -16.80 21.98
CA VAL B 262 7.89 -17.77 22.96
C VAL B 262 9.05 -18.58 22.44
N LEU B 263 9.37 -18.47 21.15
CA LEU B 263 10.44 -19.31 20.61
C LEU B 263 11.81 -18.87 21.08
N PRO B 264 12.16 -17.57 20.90
CA PRO B 264 13.44 -17.10 21.47
C PRO B 264 13.70 -17.49 22.94
N PRO B 265 12.76 -17.25 23.88
CA PRO B 265 12.98 -17.72 25.26
C PRO B 265 13.04 -19.23 25.36
N LEU B 266 12.30 -19.95 24.52
CA LEU B 266 12.36 -21.41 24.51
C LEU B 266 13.64 -21.90 23.85
N MET B 267 14.11 -21.17 22.84
CA MET B 267 15.36 -21.56 22.20
C MET B 267 16.56 -21.31 23.10
N ASN B 268 16.50 -20.26 23.91
CA ASN B 268 17.50 -19.98 24.89
C ASN B 268 17.53 -21.11 25.93
N MET B 269 16.36 -21.68 26.20
CA MET B 269 16.26 -22.71 27.22
C MET B 269 16.94 -23.98 26.74
N VAL B 270 16.94 -24.15 25.43
CA VAL B 270 17.62 -25.28 24.80
C VAL B 270 19.10 -24.97 24.69
N ASN B 271 19.43 -23.71 24.47
CA ASN B 271 20.82 -23.27 24.44
C ASN B 271 21.54 -23.36 25.79
N ASN B 272 20.77 -23.42 26.86
CA ASN B 272 21.35 -23.52 28.18
C ASN B 272 21.29 -24.91 28.72
N LEU B 273 20.33 -25.69 28.24
CA LEU B 273 20.28 -27.07 28.66
C LEU B 273 21.47 -27.78 28.01
N GLY B 274 21.80 -27.37 26.79
CA GLY B 274 22.95 -27.90 26.08
C GLY B 274 24.23 -27.64 26.82
N PHE B 275 24.47 -26.36 27.08
CA PHE B 275 25.57 -25.88 27.91
C PHE B 275 25.65 -26.54 29.29
N ALA B 276 24.62 -27.24 29.73
CA ALA B 276 24.69 -27.86 31.06
C ALA B 276 24.99 -29.37 30.99
N LEU B 277 24.68 -29.99 29.86
CA LEU B 277 25.05 -31.40 29.70
C LEU B 277 26.50 -31.45 29.23
N ILE B 278 26.95 -30.41 28.54
CA ILE B 278 28.34 -30.38 28.10
C ILE B 278 29.26 -30.05 29.28
N SER B 279 28.72 -29.35 30.27
CA SER B 279 29.49 -29.06 31.47
C SER B 279 29.36 -30.18 32.49
N GLY B 280 28.22 -30.86 32.49
CA GLY B 280 27.95 -31.89 33.47
C GLY B 280 28.52 -33.23 33.08
N PHE B 281 28.29 -33.65 31.85
CA PHE B 281 28.93 -34.86 31.37
C PHE B 281 30.40 -34.60 31.05
N GLY B 282 30.69 -33.52 30.34
CA GLY B 282 32.05 -33.21 29.95
C GLY B 282 33.01 -33.15 31.12
N GLY B 283 32.54 -32.54 32.21
CA GLY B 283 33.35 -32.36 33.40
C GLY B 283 33.43 -33.64 34.21
N TRP B 284 32.48 -34.53 33.96
CA TRP B 284 32.52 -35.84 34.57
C TRP B 284 33.25 -36.82 33.63
N LEU B 285 33.57 -36.36 32.42
CA LEU B 285 34.40 -37.17 31.52
C LEU B 285 35.85 -36.74 31.64
N ALA B 286 36.09 -35.59 32.27
CA ALA B 286 37.44 -35.13 32.47
C ALA B 286 37.98 -35.71 33.78
N LEU B 287 37.07 -35.94 34.73
CA LEU B 287 37.44 -36.58 35.98
C LEU B 287 37.90 -38.00 35.70
N LYS B 288 37.25 -38.68 34.77
CA LYS B 288 37.67 -40.03 34.38
C LYS B 288 38.86 -40.03 33.38
N ASP B 289 39.45 -38.86 33.15
CA ASP B 289 40.59 -38.70 32.23
C ASP B 289 40.28 -39.16 30.81
N ILE B 290 39.00 -39.16 30.45
CA ILE B 290 38.55 -39.64 29.14
C ILE B 290 38.53 -38.52 28.10
N ILE B 291 38.28 -37.30 28.54
CA ILE B 291 38.41 -36.13 27.69
C ILE B 291 39.26 -35.09 28.43
N THR B 292 39.77 -34.11 27.68
CA THR B 292 40.46 -33.00 28.31
C THR B 292 39.54 -31.79 28.52
N VAL B 293 39.99 -30.84 29.35
CA VAL B 293 39.24 -29.61 29.56
C VAL B 293 39.07 -28.83 28.26
N GLY B 294 40.16 -28.62 27.51
CA GLY B 294 40.06 -28.03 26.19
C GLY B 294 38.94 -28.66 25.36
N THR B 295 38.79 -29.97 25.48
CA THR B 295 37.73 -30.67 24.78
C THR B 295 36.34 -30.18 25.21
N ILE B 296 36.18 -29.94 26.50
CA ILE B 296 34.93 -29.38 27.02
C ILE B 296 34.63 -28.01 26.42
N ALA B 297 35.64 -27.13 26.42
CA ALA B 297 35.52 -25.81 25.81
C ALA B 297 35.10 -25.85 24.31
N THR B 298 35.48 -26.90 23.60
CA THR B 298 35.18 -26.99 22.18
C THR B 298 33.70 -27.31 21.93
N PHE B 299 33.16 -28.26 22.69
CA PHE B 299 31.76 -28.65 22.56
C PHE B 299 30.84 -27.53 23.00
N ILE B 300 31.32 -26.71 23.92
CA ILE B 300 30.62 -25.47 24.23
C ILE B 300 30.54 -24.61 22.98
N GLY B 301 31.56 -24.68 22.14
CA GLY B 301 31.58 -23.99 20.88
C GLY B 301 30.70 -24.61 19.80
N TYR B 302 30.08 -25.74 20.10
CA TYR B 302 29.14 -26.34 19.16
C TYR B 302 27.72 -26.44 19.75
N SER B 303 27.57 -26.11 21.02
CA SER B 303 26.28 -26.23 21.70
C SER B 303 25.18 -25.42 21.02
N ARG B 304 25.49 -24.18 20.63
CA ARG B 304 24.47 -23.31 20.04
C ARG B 304 24.37 -23.47 18.51
N GLN B 305 25.10 -24.46 17.98
CA GLN B 305 25.11 -24.75 16.56
C GLN B 305 24.02 -25.74 16.20
N PHE B 306 23.12 -26.04 17.13
CA PHE B 306 22.06 -27.02 16.87
C PHE B 306 20.64 -26.53 17.21
N THR B 307 20.47 -25.21 17.21
CA THR B 307 19.19 -24.63 17.59
C THR B 307 18.66 -23.70 16.48
N ARG B 308 18.92 -22.40 16.62
CA ARG B 308 18.63 -21.45 15.55
C ARG B 308 19.24 -21.74 14.17
N PRO B 309 20.51 -22.19 14.11
CA PRO B 309 21.05 -22.62 12.81
C PRO B 309 20.21 -23.70 12.18
N LEU B 310 19.62 -24.57 13.00
CA LEU B 310 18.67 -25.56 12.50
C LEU B 310 17.34 -24.91 12.09
N ASN B 311 16.98 -23.84 12.81
CA ASN B 311 15.79 -23.07 12.51
C ASN B 311 15.97 -22.19 11.29
N GLU B 312 17.10 -21.49 11.20
CA GLU B 312 17.45 -20.78 9.97
C GLU B 312 17.42 -21.75 8.78
N LEU B 313 17.74 -23.02 9.01
CA LEU B 313 17.71 -24.01 7.92
C LEU B 313 16.29 -24.28 7.41
N SER B 314 15.34 -24.49 8.33
CA SER B 314 13.94 -24.74 7.96
C SER B 314 13.31 -23.57 7.22
N ASN B 315 13.51 -22.36 7.74
CA ASN B 315 12.87 -21.19 7.18
C ASN B 315 13.44 -20.81 5.83
N GLN B 316 14.75 -20.96 5.67
CA GLN B 316 15.40 -20.66 4.40
C GLN B 316 14.97 -21.64 3.31
N PHE B 317 14.63 -22.86 3.71
CA PHE B 317 14.15 -23.87 2.77
C PHE B 317 12.82 -23.39 2.21
N ASN B 318 11.88 -23.13 3.11
CA ASN B 318 10.58 -22.58 2.75
C ASN B 318 10.67 -21.31 1.92
N MET B 319 11.68 -20.50 2.18
CA MET B 319 11.84 -19.25 1.47
C MET B 319 12.27 -19.53 0.04
N ILE B 320 13.13 -20.53 -0.14
CA ILE B 320 13.51 -21.00 -1.47
C ILE B 320 12.29 -21.53 -2.24
N GLN B 321 11.54 -22.39 -1.56
CA GLN B 321 10.32 -22.98 -2.09
C GLN B 321 9.31 -21.94 -2.58
N MET B 322 9.07 -20.91 -1.76
CA MET B 322 8.21 -19.80 -2.15
C MET B 322 8.81 -18.99 -3.29
N ALA B 323 10.13 -19.06 -3.45
CA ALA B 323 10.76 -18.31 -4.51
C ALA B 323 10.63 -19.06 -5.84
N LEU B 324 10.69 -20.39 -5.79
CA LEU B 324 10.46 -21.20 -6.97
C LEU B 324 9.08 -20.96 -7.57
N ALA B 325 8.06 -20.94 -6.72
CA ALA B 325 6.71 -20.60 -7.16
C ALA B 325 6.66 -19.20 -7.76
N SER B 326 7.30 -18.23 -7.10
CA SER B 326 7.30 -16.85 -7.61
C SER B 326 7.98 -16.76 -8.96
N ALA B 327 8.92 -17.66 -9.20
CA ALA B 327 9.55 -17.74 -10.49
C ALA B 327 8.49 -18.12 -11.52
N GLU B 328 7.86 -19.27 -11.28
CA GLU B 328 6.83 -19.84 -12.15
C GLU B 328 5.73 -18.84 -12.56
N ARG B 329 5.29 -18.01 -11.62
CA ARG B 329 4.41 -16.88 -11.92
C ARG B 329 5.07 -15.93 -12.92
N ILE B 330 6.28 -15.47 -12.56
CA ILE B 330 7.03 -14.51 -13.38
C ILE B 330 7.35 -15.07 -14.76
N PHE B 331 7.66 -16.36 -14.81
CA PHE B 331 7.95 -17.00 -16.08
C PHE B 331 6.74 -16.98 -16.99
N GLU B 332 5.57 -17.26 -16.41
CA GLU B 332 4.31 -17.29 -17.17
C GLU B 332 3.98 -15.93 -17.79
N ILE B 333 4.20 -14.86 -17.05
CA ILE B 333 4.03 -13.51 -17.59
C ILE B 333 4.98 -13.25 -18.76
N LEU B 334 6.10 -13.96 -18.78
CA LEU B 334 7.07 -13.83 -19.86
C LEU B 334 6.74 -14.74 -21.04
N ASP B 335 5.68 -15.55 -20.88
CA ASP B 335 5.26 -16.49 -21.91
C ASP B 335 3.93 -16.08 -22.53
N LEU B 336 3.36 -14.99 -22.03
CA LEU B 336 2.12 -14.45 -22.59
C LEU B 336 2.32 -14.06 -24.05
N GLU B 337 1.30 -14.26 -24.88
CA GLU B 337 1.40 -13.89 -26.28
C GLU B 337 1.34 -12.37 -26.43
N GLU B 338 2.10 -11.87 -27.39
CA GLU B 338 2.18 -10.44 -27.63
C GLU B 338 1.45 -10.12 -28.92
N GLU B 339 1.13 -8.84 -29.11
CA GLU B 339 0.48 -8.42 -30.34
C GLU B 339 1.48 -8.46 -31.48
N LYS B 340 1.08 -9.12 -32.57
CA LYS B 340 1.92 -9.18 -33.76
C LYS B 340 1.17 -8.68 -35.00
N ASP B 341 1.83 -7.79 -35.73
CA ASP B 341 1.34 -7.37 -37.03
C ASP B 341 1.66 -8.46 -38.03
N ASP B 342 0.61 -9.09 -38.57
CA ASP B 342 0.76 -10.17 -39.53
C ASP B 342 1.71 -9.78 -40.67
N PRO B 343 2.46 -10.75 -41.22
CA PRO B 343 3.53 -10.47 -42.19
C PRO B 343 3.04 -9.70 -43.42
N ASP B 344 1.77 -9.87 -43.76
CA ASP B 344 1.17 -9.22 -44.91
C ASP B 344 0.73 -7.78 -44.63
N ALA B 345 0.72 -7.39 -43.36
CA ALA B 345 0.21 -6.08 -42.93
C ALA B 345 0.82 -4.90 -43.69
N VAL B 346 -0.03 -4.02 -44.20
CA VAL B 346 0.41 -2.92 -45.06
C VAL B 346 0.48 -1.59 -44.31
N GLU B 347 1.38 -0.71 -44.76
CA GLU B 347 1.42 0.67 -44.28
C GLU B 347 0.23 1.45 -44.86
N LEU B 348 -0.29 2.40 -44.09
CA LEU B 348 -1.47 3.14 -44.50
C LEU B 348 -1.17 4.12 -45.63
N ARG B 349 -1.75 3.85 -46.80
CA ARG B 349 -1.66 4.76 -47.95
C ARG B 349 -2.43 6.05 -47.65
N GLU B 350 -1.88 7.17 -48.11
CA GLU B 350 -2.41 8.49 -47.75
C GLU B 350 -3.85 8.70 -48.23
N VAL B 351 -4.80 8.24 -47.42
CA VAL B 351 -6.21 8.42 -47.73
C VAL B 351 -6.87 9.32 -46.69
N ARG B 352 -7.95 10.00 -47.08
CA ARG B 352 -8.73 10.83 -46.17
C ARG B 352 -9.52 9.99 -45.18
N GLY B 353 -9.52 8.67 -45.40
CA GLY B 353 -9.95 7.74 -44.39
C GLY B 353 -11.44 7.46 -44.33
N GLU B 354 -11.82 6.31 -44.88
CA GLU B 354 -13.20 5.87 -44.82
C GLU B 354 -13.32 4.58 -44.01
N ILE B 355 -14.38 4.48 -43.22
CA ILE B 355 -14.53 3.41 -42.25
C ILE B 355 -15.79 2.60 -42.52
N GLU B 356 -15.70 1.27 -42.43
CA GLU B 356 -16.86 0.41 -42.63
C GLU B 356 -16.89 -0.85 -41.78
N PHE B 357 -17.96 -1.00 -41.01
CA PHE B 357 -18.17 -2.19 -40.19
C PHE B 357 -19.17 -3.09 -40.91
N LYS B 358 -18.85 -4.37 -41.03
CA LYS B 358 -19.75 -5.32 -41.69
C LYS B 358 -20.20 -6.42 -40.74
N ASN B 359 -21.37 -6.21 -40.13
CA ASN B 359 -21.98 -7.20 -39.24
C ASN B 359 -21.08 -7.64 -38.11
N VAL B 360 -20.57 -6.67 -37.34
CA VAL B 360 -19.61 -6.99 -36.28
C VAL B 360 -20.28 -7.37 -34.96
N TRP B 361 -19.71 -8.38 -34.30
CA TRP B 361 -20.19 -8.86 -33.02
C TRP B 361 -19.01 -8.93 -32.05
N PHE B 362 -19.12 -8.27 -30.91
CA PHE B 362 -18.05 -8.33 -29.91
C PHE B 362 -18.51 -8.56 -28.46
N SER B 363 -17.85 -9.49 -27.79
CA SER B 363 -18.09 -9.76 -26.39
C SER B 363 -16.77 -9.77 -25.63
N TYR B 364 -16.73 -9.07 -24.50
CA TYR B 364 -15.53 -9.05 -23.68
C TYR B 364 -15.36 -10.37 -22.96
N ASP B 365 -16.37 -10.74 -22.18
CA ASP B 365 -16.34 -11.99 -21.43
C ASP B 365 -16.73 -13.19 -22.30
N LYS B 366 -17.13 -12.92 -23.54
CA LYS B 366 -17.57 -13.95 -24.48
C LYS B 366 -18.85 -14.66 -24.03
N LYS B 367 -19.52 -14.11 -23.01
CA LYS B 367 -20.74 -14.72 -22.51
C LYS B 367 -21.88 -13.71 -22.53
N LYS B 368 -21.53 -12.47 -22.22
CA LYS B 368 -22.47 -11.36 -22.27
C LYS B 368 -22.13 -10.48 -23.48
N PRO B 369 -22.81 -10.71 -24.60
CA PRO B 369 -22.63 -9.94 -25.84
C PRO B 369 -22.73 -8.45 -25.60
N VAL B 370 -21.87 -7.68 -26.25
CA VAL B 370 -21.79 -6.24 -26.03
C VAL B 370 -22.18 -5.51 -27.30
N LEU B 371 -21.74 -6.03 -28.44
CA LEU B 371 -22.17 -5.50 -29.74
C LEU B 371 -22.81 -6.59 -30.61
N LYS B 372 -23.86 -6.20 -31.33
CA LYS B 372 -24.66 -7.09 -32.17
C LYS B 372 -24.88 -6.52 -33.56
N ASP B 373 -24.27 -7.13 -34.57
CA ASP B 373 -24.59 -6.85 -35.98
C ASP B 373 -24.51 -5.36 -36.35
N ILE B 374 -23.47 -4.69 -35.86
CA ILE B 374 -23.28 -3.27 -36.13
C ILE B 374 -22.75 -3.03 -37.56
N THR B 375 -23.56 -2.37 -38.39
CA THR B 375 -23.21 -2.15 -39.79
C THR B 375 -23.40 -0.69 -40.19
N PHE B 376 -22.39 -0.13 -40.84
CA PHE B 376 -22.44 1.26 -41.33
C PHE B 376 -21.22 1.61 -42.18
N HIS B 377 -21.19 2.85 -42.68
CA HIS B 377 -20.11 3.31 -43.56
C HIS B 377 -19.94 4.82 -43.45
N ILE B 378 -18.75 5.24 -43.03
CA ILE B 378 -18.43 6.67 -42.91
C ILE B 378 -17.52 7.11 -44.05
N LYS B 379 -17.88 8.22 -44.68
CA LYS B 379 -17.11 8.75 -45.79
C LYS B 379 -16.26 9.93 -45.29
N PRO B 380 -15.12 10.19 -45.97
CA PRO B 380 -14.15 11.22 -45.55
C PRO B 380 -14.77 12.57 -45.24
N GLY B 381 -14.16 13.32 -44.31
CA GLY B 381 -14.60 14.66 -43.98
C GLY B 381 -15.97 14.76 -43.33
N GLN B 382 -16.55 13.59 -43.01
CA GLN B 382 -17.88 13.54 -42.41
C GLN B 382 -17.82 13.41 -40.89
N LYS B 383 -18.45 14.36 -40.21
CA LYS B 383 -18.61 14.29 -38.76
C LYS B 383 -19.77 13.37 -38.43
N VAL B 384 -19.56 12.39 -37.56
CA VAL B 384 -20.61 11.45 -37.18
C VAL B 384 -20.88 11.51 -35.67
N ALA B 385 -22.15 11.46 -35.27
CA ALA B 385 -22.49 11.45 -33.85
C ALA B 385 -22.93 10.06 -33.37
N LEU B 386 -22.49 9.71 -32.17
CA LEU B 386 -22.84 8.42 -31.57
C LEU B 386 -23.62 8.66 -30.27
N VAL B 387 -24.90 8.31 -30.26
CA VAL B 387 -25.74 8.58 -29.09
C VAL B 387 -26.34 7.30 -28.53
N GLY B 388 -26.67 7.31 -27.24
CA GLY B 388 -27.26 6.15 -26.58
C GLY B 388 -26.99 6.11 -25.09
N PRO B 389 -27.76 5.29 -24.36
CA PRO B 389 -27.67 5.14 -22.91
C PRO B 389 -26.39 4.45 -22.44
N THR B 390 -26.34 4.09 -21.16
CA THR B 390 -25.19 3.40 -20.58
C THR B 390 -25.25 1.91 -20.92
N GLY B 391 -24.37 1.48 -21.82
CA GLY B 391 -24.42 0.12 -22.32
C GLY B 391 -24.91 0.12 -23.75
N SER B 392 -24.95 1.32 -24.32
CA SER B 392 -25.29 1.52 -25.72
C SER B 392 -24.29 0.79 -26.58
N GLY B 393 -23.02 0.87 -26.19
CA GLY B 393 -21.94 0.22 -26.91
C GLY B 393 -21.14 1.19 -27.78
N LYS B 394 -21.35 2.48 -27.58
CA LYS B 394 -20.59 3.49 -28.34
C LYS B 394 -19.20 3.72 -27.74
N THR B 395 -19.01 3.23 -26.52
CA THR B 395 -17.72 3.35 -25.85
C THR B 395 -16.83 2.18 -26.22
N THR B 396 -17.44 1.15 -26.79
CA THR B 396 -16.73 -0.07 -27.17
C THR B 396 -16.18 0.07 -28.59
N ILE B 397 -16.70 1.05 -29.33
CA ILE B 397 -16.30 1.25 -30.73
C ILE B 397 -14.83 1.67 -30.84
N VAL B 398 -14.46 2.64 -30.00
CA VAL B 398 -13.09 3.14 -29.91
C VAL B 398 -11.99 2.06 -29.88
N ASN B 399 -12.13 1.08 -29.00
CA ASN B 399 -11.14 0.01 -28.85
C ASN B 399 -11.05 -0.90 -30.08
N LEU B 400 -12.12 -0.96 -30.87
CA LEU B 400 -12.15 -1.84 -32.04
C LEU B 400 -11.55 -1.19 -33.28
N LEU B 401 -11.51 0.14 -33.30
CA LEU B 401 -10.93 0.86 -34.43
C LEU B 401 -9.42 1.04 -34.28
N MET B 402 -8.95 1.02 -33.04
CA MET B 402 -7.51 1.01 -32.76
C MET B 402 -7.00 -0.41 -32.62
N ARG B 403 -7.93 -1.37 -32.70
CA ARG B 403 -7.63 -2.79 -32.61
C ARG B 403 -6.91 -3.14 -31.31
N PHE B 404 -7.38 -2.54 -30.22
CA PHE B 404 -6.94 -2.92 -28.88
C PHE B 404 -7.55 -4.29 -28.56
N TYR B 405 -8.79 -4.46 -29.01
CA TYR B 405 -9.46 -5.76 -28.97
C TYR B 405 -9.77 -6.19 -30.42
N ASP B 406 -10.08 -7.47 -30.63
CA ASP B 406 -10.48 -7.95 -31.96
C ASP B 406 -11.95 -8.39 -32.06
N VAL B 407 -12.54 -8.22 -33.24
CA VAL B 407 -13.93 -8.55 -33.50
C VAL B 407 -14.19 -10.06 -33.53
N ASP B 408 -15.18 -10.53 -32.76
CA ASP B 408 -15.51 -11.95 -32.74
C ASP B 408 -15.97 -12.40 -34.13
N ARG B 409 -17.06 -11.80 -34.59
CA ARG B 409 -17.65 -12.13 -35.88
C ARG B 409 -17.92 -10.85 -36.68
N GLY B 410 -17.58 -10.87 -37.96
CA GLY B 410 -17.70 -9.69 -38.80
C GLY B 410 -16.34 -9.18 -39.23
N GLN B 411 -16.30 -7.94 -39.71
CA GLN B 411 -15.03 -7.34 -40.10
C GLN B 411 -15.10 -5.82 -40.14
N ILE B 412 -14.00 -5.20 -39.78
CA ILE B 412 -13.85 -3.74 -39.83
C ILE B 412 -12.84 -3.49 -40.93
N LEU B 413 -12.81 -2.26 -41.44
CA LEU B 413 -11.87 -1.89 -42.49
C LEU B 413 -11.79 -0.38 -42.70
N VAL B 414 -10.57 0.15 -42.69
CA VAL B 414 -10.33 1.54 -43.00
C VAL B 414 -9.83 1.63 -44.45
N ASP B 415 -10.52 2.41 -45.27
CA ASP B 415 -10.14 2.61 -46.67
C ASP B 415 -10.05 1.31 -47.46
N GLY B 416 -11.03 0.43 -47.24
CA GLY B 416 -11.14 -0.81 -47.99
C GLY B 416 -10.48 -1.99 -47.32
N ILE B 417 -9.24 -1.79 -46.87
CA ILE B 417 -8.42 -2.85 -46.28
C ILE B 417 -8.84 -3.18 -44.84
N ASP B 418 -9.04 -4.47 -44.57
CA ASP B 418 -9.42 -4.92 -43.24
C ASP B 418 -8.35 -4.56 -42.20
N ILE B 419 -8.80 -4.02 -41.08
CA ILE B 419 -7.92 -3.55 -40.01
C ILE B 419 -6.96 -4.64 -39.54
N ARG B 420 -7.42 -5.89 -39.52
CA ARG B 420 -6.60 -7.02 -39.08
C ARG B 420 -5.56 -7.44 -40.12
N LYS B 421 -5.40 -6.61 -41.15
CA LYS B 421 -4.39 -6.85 -42.18
C LYS B 421 -3.65 -5.55 -42.46
N ILE B 422 -3.88 -4.54 -41.61
CA ILE B 422 -3.10 -3.31 -41.65
C ILE B 422 -2.07 -3.34 -40.52
N LYS B 423 -1.01 -2.56 -40.67
CA LYS B 423 0.01 -2.47 -39.62
C LYS B 423 -0.49 -1.67 -38.43
N ARG B 424 -0.41 -2.28 -37.25
CA ARG B 424 -0.82 -1.63 -36.00
C ARG B 424 -0.06 -0.35 -35.79
N SER B 425 1.16 -0.29 -36.32
CA SER B 425 1.99 0.91 -36.24
C SER B 425 1.45 2.05 -37.10
N SER B 426 1.11 1.72 -38.34
CA SER B 426 0.58 2.68 -39.30
C SER B 426 -0.84 3.10 -38.93
N LEU B 427 -1.68 2.09 -38.68
CA LEU B 427 -3.06 2.28 -38.23
C LEU B 427 -3.19 3.38 -37.19
N ARG B 428 -2.49 3.21 -36.07
CA ARG B 428 -2.62 4.12 -34.93
C ARG B 428 -1.97 5.49 -35.14
N SER B 429 -1.34 5.69 -36.30
CA SER B 429 -0.74 6.99 -36.63
C SER B 429 -1.71 7.88 -37.39
N SER B 430 -2.45 7.26 -38.30
CA SER B 430 -3.47 7.93 -39.09
C SER B 430 -4.72 8.18 -38.25
N ILE B 431 -4.85 7.42 -37.18
CA ILE B 431 -5.96 7.56 -36.24
C ILE B 431 -5.47 8.19 -34.93
N GLY B 432 -5.96 9.38 -34.61
CA GLY B 432 -5.68 10.01 -33.34
C GLY B 432 -6.86 9.81 -32.42
N ILE B 433 -6.71 10.14 -31.14
CA ILE B 433 -7.79 9.90 -30.18
C ILE B 433 -7.77 10.78 -28.93
N VAL B 434 -8.91 11.37 -28.60
CA VAL B 434 -9.08 12.04 -27.31
C VAL B 434 -10.24 11.41 -26.56
N LEU B 435 -9.99 11.00 -25.33
CA LEU B 435 -11.00 10.33 -24.52
C LEU B 435 -11.47 11.20 -23.37
N GLN B 436 -12.60 10.81 -22.77
CA GLN B 436 -13.18 11.51 -21.63
C GLN B 436 -12.18 11.41 -20.48
N ASP B 437 -11.64 10.21 -20.29
CA ASP B 437 -10.59 10.00 -19.31
C ASP B 437 -9.22 10.16 -19.97
N THR B 438 -8.84 11.41 -20.20
CA THR B 438 -7.54 11.76 -20.79
C THR B 438 -6.39 11.40 -19.86
N ILE B 439 -5.20 11.17 -20.43
CA ILE B 439 -4.04 10.81 -19.64
C ILE B 439 -2.85 11.75 -19.88
N LEU B 440 -2.33 12.37 -18.81
CA LEU B 440 -1.13 13.19 -18.90
C LEU B 440 0.05 12.54 -18.16
N PHE B 441 1.22 13.14 -18.25
CA PHE B 441 2.44 12.55 -17.70
C PHE B 441 3.14 13.45 -16.69
N SER B 442 3.89 12.83 -15.78
CA SER B 442 4.54 13.57 -14.71
C SER B 442 5.80 14.30 -15.19
N THR B 443 5.75 14.80 -16.42
CA THR B 443 6.86 15.54 -17.00
C THR B 443 6.45 17.00 -17.15
N THR B 444 7.31 17.80 -17.78
CA THR B 444 6.99 19.19 -18.06
C THR B 444 5.84 19.27 -19.06
N VAL B 445 5.22 20.45 -19.17
CA VAL B 445 4.12 20.64 -20.11
C VAL B 445 4.55 20.32 -21.54
N LYS B 446 5.63 20.96 -21.96
CA LYS B 446 6.16 20.80 -23.33
C LYS B 446 6.33 19.33 -23.73
N GLU B 447 6.75 18.50 -22.77
CA GLU B 447 6.97 17.08 -23.01
C GLU B 447 5.69 16.34 -23.33
N ASN B 448 4.61 16.78 -22.71
CA ASN B 448 3.29 16.17 -22.91
C ASN B 448 2.73 16.42 -24.31
N LEU B 449 2.82 17.67 -24.75
CA LEU B 449 2.33 18.08 -26.07
C LEU B 449 3.20 17.51 -27.18
N LYS B 450 4.50 17.39 -26.90
CA LYS B 450 5.45 16.83 -27.84
C LYS B 450 5.22 15.33 -28.03
N TYR B 451 4.72 14.67 -27.00
CA TYR B 451 4.62 13.21 -26.93
C TYR B 451 4.06 12.58 -28.20
N GLY B 452 3.02 13.21 -28.76
CA GLY B 452 2.38 12.71 -29.96
C GLY B 452 3.28 12.75 -31.18
N ASN B 453 4.08 13.81 -31.26
CA ASN B 453 5.01 13.97 -32.37
C ASN B 453 6.43 14.20 -31.87
N PRO B 454 7.23 13.12 -31.81
CA PRO B 454 8.63 13.16 -31.36
C PRO B 454 9.41 14.31 -31.99
N GLY B 455 9.45 14.33 -33.32
CA GLY B 455 10.22 15.31 -34.05
C GLY B 455 9.50 16.64 -34.19
N ALA B 456 8.99 17.15 -33.07
CA ALA B 456 8.32 18.44 -33.08
C ALA B 456 9.27 19.52 -32.59
N THR B 457 9.18 20.69 -33.20
CA THR B 457 9.97 21.84 -32.75
C THR B 457 9.27 22.52 -31.58
N ASP B 458 9.98 23.42 -30.92
CA ASP B 458 9.42 24.17 -29.79
C ASP B 458 8.75 25.46 -30.28
N GLU B 459 8.37 25.47 -31.55
CA GLU B 459 7.65 26.59 -32.15
C GLU B 459 6.30 26.09 -32.65
N GLU B 460 6.33 24.92 -33.27
CA GLU B 460 5.12 24.24 -33.69
C GLU B 460 4.26 23.94 -32.47
N ILE B 461 4.93 23.56 -31.38
CA ILE B 461 4.27 23.36 -30.10
C ILE B 461 3.55 24.63 -29.62
N LYS B 462 4.22 25.77 -29.67
CA LYS B 462 3.61 27.05 -29.31
C LYS B 462 2.51 27.41 -30.30
N GLU B 463 2.82 27.30 -31.59
CA GLU B 463 1.90 27.65 -32.66
C GLU B 463 0.62 26.81 -32.63
N ALA B 464 0.76 25.51 -32.44
CA ALA B 464 -0.40 24.62 -32.37
C ALA B 464 -1.12 24.73 -31.03
N ALA B 465 -0.41 25.21 -30.00
CA ALA B 465 -1.05 25.50 -28.72
C ALA B 465 -1.84 26.80 -28.82
N LYS B 466 -1.44 27.68 -29.75
CA LYS B 466 -2.16 28.93 -29.95
C LYS B 466 -3.54 28.69 -30.56
N LEU B 467 -3.58 27.90 -31.63
CA LEU B 467 -4.81 27.63 -32.35
C LEU B 467 -5.88 26.98 -31.46
N THR B 468 -5.46 26.09 -30.58
CA THR B 468 -6.40 25.37 -29.74
C THR B 468 -6.59 26.00 -28.35
N HIS B 469 -6.35 27.30 -28.26
CA HIS B 469 -6.64 28.10 -27.05
C HIS B 469 -5.92 27.63 -25.77
N SER B 470 -4.97 26.71 -25.91
CA SER B 470 -4.27 26.17 -24.74
C SER B 470 -3.04 27.01 -24.36
N ASP B 471 -2.44 27.65 -25.36
CA ASP B 471 -1.23 28.45 -25.18
C ASP B 471 -1.39 29.55 -24.14
N HIS B 472 -2.62 30.01 -23.92
CA HIS B 472 -2.87 31.07 -22.94
C HIS B 472 -2.52 30.64 -21.51
N PHE B 473 -3.25 29.66 -20.98
CA PHE B 473 -3.06 29.26 -19.58
C PHE B 473 -1.69 28.59 -19.33
N ILE B 474 -1.11 28.00 -20.38
CA ILE B 474 0.23 27.42 -20.29
C ILE B 474 1.27 28.46 -19.89
N LYS B 475 1.16 29.66 -20.47
CA LYS B 475 2.06 30.76 -20.18
C LYS B 475 1.75 31.43 -18.83
N HIS B 476 0.64 31.03 -18.21
CA HIS B 476 0.26 31.55 -16.91
C HIS B 476 0.55 30.55 -15.78
N LEU B 477 1.16 29.43 -16.14
CA LEU B 477 1.58 28.42 -15.17
C LEU B 477 2.96 28.77 -14.62
N PRO B 478 3.16 28.61 -13.29
CA PRO B 478 4.35 28.98 -12.51
C PRO B 478 5.67 28.87 -13.27
N GLU B 479 5.91 27.73 -13.90
CA GLU B 479 7.14 27.49 -14.64
C GLU B 479 6.92 27.59 -16.15
N GLY B 480 5.77 28.13 -16.56
CA GLY B 480 5.44 28.30 -17.96
C GLY B 480 5.30 26.99 -18.73
N TYR B 481 6.01 26.90 -19.85
CA TYR B 481 5.95 25.72 -20.71
C TYR B 481 6.72 24.53 -20.15
N GLU B 482 7.60 24.80 -19.18
CA GLU B 482 8.40 23.75 -18.56
C GLU B 482 7.87 23.38 -17.18
N THR B 483 6.57 23.51 -16.99
CA THR B 483 5.97 23.21 -15.69
C THR B 483 5.77 21.70 -15.53
N VAL B 484 6.41 21.12 -14.53
CA VAL B 484 6.22 19.70 -14.25
C VAL B 484 4.81 19.46 -13.73
N LEU B 485 4.09 18.57 -14.40
CA LEU B 485 2.75 18.19 -13.99
C LEU B 485 2.85 17.03 -13.02
N THR B 486 3.13 17.35 -11.75
CA THR B 486 3.25 16.32 -10.72
C THR B 486 1.91 15.66 -10.51
N ASP B 487 1.95 14.34 -10.29
CA ASP B 487 0.75 13.53 -10.10
C ASP B 487 -0.22 13.67 -11.26
N ASN B 488 0.35 13.81 -12.47
CA ASN B 488 -0.41 13.83 -13.73
C ASN B 488 -1.43 14.95 -13.87
N GLY B 489 -1.03 16.17 -13.48
CA GLY B 489 -1.86 17.34 -13.65
C GLY B 489 -2.91 17.54 -12.58
N GLU B 490 -2.60 17.17 -11.35
CA GLU B 490 -3.51 17.38 -10.22
C GLU B 490 -3.80 18.86 -9.95
N ASP B 491 -2.83 19.71 -10.25
CA ASP B 491 -3.00 21.15 -10.02
C ASP B 491 -3.48 21.86 -11.29
N LEU B 492 -4.39 21.22 -12.01
CA LEU B 492 -4.96 21.81 -13.22
C LEU B 492 -6.49 21.68 -13.27
N SER B 493 -7.13 22.68 -13.86
CA SER B 493 -8.57 22.64 -14.10
C SER B 493 -8.83 21.54 -15.11
N GLN B 494 -9.93 20.82 -14.96
CA GLN B 494 -10.23 19.69 -15.85
C GLN B 494 -10.42 20.11 -17.30
N GLY B 495 -11.02 21.28 -17.50
CA GLY B 495 -11.10 21.87 -18.82
C GLY B 495 -9.71 21.99 -19.40
N GLN B 496 -8.83 22.69 -18.68
CA GLN B 496 -7.45 22.89 -19.10
C GLN B 496 -6.71 21.60 -19.44
N ARG B 497 -6.99 20.54 -18.69
CA ARG B 497 -6.38 19.25 -18.98
C ARG B 497 -6.91 18.71 -20.31
N GLN B 498 -8.21 18.84 -20.52
CA GLN B 498 -8.85 18.39 -21.76
C GLN B 498 -8.28 19.16 -22.93
N LEU B 499 -8.12 20.47 -22.75
CA LEU B 499 -7.50 21.36 -23.73
C LEU B 499 -6.11 20.89 -24.15
N LEU B 500 -5.30 20.51 -23.15
CA LEU B 500 -3.94 20.05 -23.41
C LEU B 500 -3.97 18.73 -24.19
N ALA B 501 -4.83 17.82 -23.76
CA ALA B 501 -4.93 16.51 -24.42
C ALA B 501 -5.36 16.64 -25.87
N ILE B 502 -6.15 17.67 -26.17
CA ILE B 502 -6.54 17.97 -27.54
C ILE B 502 -5.33 18.43 -28.37
N THR B 503 -4.56 19.36 -27.81
CA THR B 503 -3.40 19.95 -28.51
C THR B 503 -2.34 18.93 -28.90
N ARG B 504 -2.20 17.87 -28.11
CA ARG B 504 -1.19 16.85 -28.40
C ARG B 504 -1.66 15.86 -29.46
N ALA B 505 -2.97 15.72 -29.61
CA ALA B 505 -3.53 14.90 -30.68
C ALA B 505 -3.43 15.63 -32.02
N PHE B 506 -3.27 16.95 -31.94
CA PHE B 506 -3.11 17.79 -33.12
C PHE B 506 -1.76 17.55 -33.76
N LEU B 507 -0.72 17.50 -32.93
CA LEU B 507 0.64 17.39 -33.43
C LEU B 507 0.92 16.01 -34.00
N ALA B 508 0.14 15.01 -33.61
CA ALA B 508 0.29 13.66 -34.15
C ALA B 508 -0.32 13.59 -35.55
N ASN B 509 -0.83 14.74 -36.00
CA ASN B 509 -1.57 14.92 -37.26
C ASN B 509 -2.20 13.68 -37.88
N PRO B 510 -3.25 13.16 -37.24
CA PRO B 510 -3.92 11.97 -37.79
C PRO B 510 -4.89 12.35 -38.90
N LYS B 511 -5.30 11.35 -39.69
CA LYS B 511 -6.27 11.59 -40.76
C LYS B 511 -7.65 11.09 -40.39
N ILE B 512 -7.73 10.37 -39.26
CA ILE B 512 -8.98 9.97 -38.66
C ILE B 512 -8.92 10.36 -37.18
N LEU B 513 -10.00 10.92 -36.65
CA LEU B 513 -10.00 11.37 -35.26
C LEU B 513 -11.22 10.86 -34.50
N ILE B 514 -10.99 10.05 -33.47
CA ILE B 514 -12.09 9.70 -32.56
C ILE B 514 -12.08 10.69 -31.38
N LEU B 515 -13.26 11.19 -31.02
CA LEU B 515 -13.36 12.18 -29.95
C LEU B 515 -14.32 11.76 -28.83
N ASP B 516 -14.17 12.40 -27.68
CA ASP B 516 -15.03 12.18 -26.50
C ASP B 516 -14.71 13.26 -25.46
N GLU B 517 -15.46 14.36 -25.52
CA GLU B 517 -15.16 15.52 -24.70
C GLU B 517 -16.14 15.68 -23.54
N ALA B 518 -15.64 15.58 -22.30
CA ALA B 518 -16.49 15.73 -21.13
C ALA B 518 -16.96 17.18 -20.95
N THR B 519 -17.90 17.40 -20.04
CA THR B 519 -18.50 18.72 -19.84
C THR B 519 -18.81 19.04 -18.37
N CYS B 520 -18.28 18.23 -17.45
CA CYS B 520 -18.87 18.11 -16.11
C CYS B 520 -18.20 18.90 -14.98
N ASN B 521 -16.87 18.91 -14.95
CA ASN B 521 -16.19 19.81 -14.04
C ASN B 521 -15.52 20.91 -14.87
N VAL B 522 -16.17 21.21 -16.00
CA VAL B 522 -15.70 22.21 -16.94
C VAL B 522 -16.41 23.53 -16.70
N ASP B 523 -15.62 24.56 -16.44
CA ASP B 523 -16.14 25.91 -16.35
C ASP B 523 -16.59 26.36 -17.74
N THR B 524 -17.59 27.23 -17.81
CA THR B 524 -18.15 27.64 -19.10
C THR B 524 -17.11 28.33 -19.97
N LYS B 525 -16.17 29.04 -19.32
CA LYS B 525 -15.18 29.83 -20.05
C LYS B 525 -14.26 28.95 -20.87
N THR B 526 -13.72 27.91 -20.23
CA THR B 526 -12.94 26.91 -20.96
C THR B 526 -13.84 26.21 -21.96
N GLU B 527 -15.12 26.09 -21.63
CA GLU B 527 -16.07 25.35 -22.46
C GLU B 527 -16.15 25.92 -23.86
N LYS B 528 -16.18 27.26 -23.95
CA LYS B 528 -16.10 27.96 -25.22
C LYS B 528 -14.78 27.65 -25.93
N SER B 529 -13.71 27.48 -25.15
CA SER B 529 -12.37 27.24 -25.71
C SER B 529 -12.18 25.83 -26.24
N ILE B 530 -12.67 24.83 -25.49
CA ILE B 530 -12.46 23.45 -25.87
C ILE B 530 -13.30 23.03 -27.10
N GLN B 531 -14.49 23.63 -27.25
CA GLN B 531 -15.37 23.33 -28.36
C GLN B 531 -14.91 24.03 -29.64
N ALA B 532 -14.25 25.18 -29.46
CA ALA B 532 -13.60 25.88 -30.55
C ALA B 532 -12.40 25.07 -31.01
N ALA B 533 -11.71 24.47 -30.05
CA ALA B 533 -10.53 23.65 -30.32
C ALA B 533 -10.91 22.31 -30.93
N MET B 534 -12.04 21.74 -30.51
CA MET B 534 -12.60 20.55 -31.13
C MET B 534 -12.76 20.81 -32.62
N TRP B 535 -13.22 22.01 -32.94
CA TRP B 535 -13.49 22.43 -34.32
C TRP B 535 -12.22 22.37 -35.15
N LYS B 536 -11.22 23.14 -34.73
CA LYS B 536 -9.93 23.23 -35.45
C LYS B 536 -9.22 21.88 -35.56
N LEU B 537 -9.50 20.99 -34.62
CA LEU B 537 -8.92 19.66 -34.64
C LEU B 537 -9.59 18.81 -35.71
N MET B 538 -10.90 18.98 -35.86
CA MET B 538 -11.72 18.13 -36.72
C MET B 538 -11.64 18.46 -38.21
N GLU B 539 -11.44 19.74 -38.54
CA GLU B 539 -11.35 20.15 -39.94
C GLU B 539 -10.15 19.49 -40.64
N GLY B 540 -10.41 18.97 -41.84
CA GLY B 540 -9.40 18.22 -42.58
C GLY B 540 -9.19 16.84 -42.00
N LYS B 541 -10.16 16.37 -41.21
CA LYS B 541 -10.08 15.07 -40.57
C LYS B 541 -11.44 14.40 -40.47
N THR B 542 -11.50 13.12 -40.82
CA THR B 542 -12.66 12.30 -40.50
C THR B 542 -12.85 12.37 -39.00
N SER B 543 -14.08 12.57 -38.52
CA SER B 543 -14.30 12.66 -37.07
C SER B 543 -15.52 11.87 -36.59
N ILE B 544 -15.32 10.65 -36.11
CA ILE B 544 -16.35 9.94 -35.36
C ILE B 544 -16.38 10.52 -33.96
N ILE B 545 -17.56 10.86 -33.44
CA ILE B 545 -17.63 11.55 -32.16
C ILE B 545 -18.67 10.96 -31.18
N ILE B 546 -18.24 10.67 -29.96
CA ILE B 546 -19.17 10.35 -28.88
C ILE B 546 -19.52 11.68 -28.22
N ALA B 547 -20.55 12.35 -28.75
CA ALA B 547 -20.85 13.73 -28.37
C ALA B 547 -21.71 13.83 -27.12
N HIS B 548 -21.52 14.93 -26.39
CA HIS B 548 -22.27 15.21 -25.19
C HIS B 548 -22.76 16.66 -25.28
N ARG B 549 -22.61 17.23 -26.48
CA ARG B 549 -22.94 18.63 -26.75
C ARG B 549 -24.02 18.74 -27.83
N LEU B 550 -24.90 19.74 -27.69
CA LEU B 550 -25.96 19.97 -28.67
C LEU B 550 -25.40 20.53 -29.97
N ASN B 551 -24.28 21.25 -29.87
CA ASN B 551 -23.67 21.94 -31.01
C ASN B 551 -22.90 21.03 -31.96
N THR B 552 -22.88 19.73 -31.66
CA THR B 552 -22.20 18.77 -32.51
C THR B 552 -23.16 17.73 -33.09
N ILE B 553 -24.26 17.48 -32.39
CA ILE B 553 -25.27 16.54 -32.91
C ILE B 553 -26.23 17.22 -33.90
N LYS B 554 -26.23 18.54 -33.91
CA LYS B 554 -27.00 19.30 -34.89
C LYS B 554 -26.19 19.43 -36.18
N ASN B 555 -24.97 19.92 -36.06
CA ASN B 555 -24.09 20.12 -37.21
C ASN B 555 -23.41 18.84 -37.67
N ALA B 556 -23.89 17.71 -37.16
CA ALA B 556 -23.34 16.41 -37.54
C ALA B 556 -23.76 16.06 -38.96
N ASP B 557 -22.97 15.19 -39.59
CA ASP B 557 -23.25 14.74 -40.96
C ASP B 557 -23.89 13.35 -40.93
N LEU B 558 -23.90 12.73 -39.75
CA LEU B 558 -24.64 11.50 -39.50
C LEU B 558 -24.77 11.27 -37.99
N ILE B 559 -25.84 10.58 -37.59
CA ILE B 559 -26.07 10.26 -36.18
C ILE B 559 -26.52 8.80 -36.04
N ILE B 560 -25.65 7.98 -35.44
CA ILE B 560 -25.98 6.58 -35.22
C ILE B 560 -26.50 6.40 -33.80
N VAL B 561 -27.83 6.38 -33.64
CA VAL B 561 -28.43 6.17 -32.34
C VAL B 561 -28.26 4.71 -31.95
N LEU B 562 -27.86 4.44 -30.71
CA LEU B 562 -27.54 3.08 -30.30
C LEU B 562 -28.30 2.65 -29.05
N ARG B 563 -28.49 1.34 -28.90
CA ARG B 563 -29.19 0.77 -27.75
C ARG B 563 -28.94 -0.73 -27.69
N ASP B 564 -28.64 -1.23 -26.49
CA ASP B 564 -28.36 -2.65 -26.28
C ASP B 564 -27.31 -3.20 -27.24
N GLY B 565 -26.41 -2.35 -27.68
CA GLY B 565 -25.38 -2.76 -28.63
C GLY B 565 -25.93 -2.94 -30.03
N GLU B 566 -27.09 -2.36 -30.30
CA GLU B 566 -27.72 -2.46 -31.61
C GLU B 566 -27.97 -1.07 -32.19
N ILE B 567 -28.02 -0.98 -33.51
CA ILE B 567 -28.33 0.29 -34.17
C ILE B 567 -29.84 0.47 -34.32
N VAL B 568 -30.40 1.37 -33.53
CA VAL B 568 -31.83 1.60 -33.55
C VAL B 568 -32.23 2.57 -34.67
N GLU B 569 -31.40 3.59 -34.89
CA GLU B 569 -31.65 4.56 -35.96
C GLU B 569 -30.36 4.98 -36.65
N MET B 570 -30.50 5.82 -37.67
CA MET B 570 -29.36 6.42 -38.37
C MET B 570 -29.88 7.47 -39.34
N GLY B 571 -29.25 8.65 -39.33
CA GLY B 571 -29.66 9.72 -40.21
C GLY B 571 -29.21 11.05 -39.66
N LYS B 572 -29.70 12.14 -40.26
CA LYS B 572 -29.37 13.47 -39.77
C LYS B 572 -30.33 13.96 -38.68
N HIS B 573 -30.01 15.12 -38.12
CA HIS B 573 -30.75 15.70 -37.00
C HIS B 573 -32.23 15.89 -37.31
N ASP B 574 -32.51 16.73 -38.30
CA ASP B 574 -33.89 17.08 -38.65
C ASP B 574 -34.70 15.86 -39.04
N GLU B 575 -34.05 14.89 -39.69
CA GLU B 575 -34.75 13.69 -40.11
C GLU B 575 -35.09 12.81 -38.92
N LEU B 576 -34.09 12.59 -38.05
CA LEU B 576 -34.27 11.66 -36.94
C LEU B 576 -35.27 12.21 -35.91
N ILE B 577 -35.40 13.53 -35.87
CA ILE B 577 -36.43 14.17 -35.06
C ILE B 577 -37.78 13.97 -35.75
N GLN B 578 -37.79 14.12 -37.07
CA GLN B 578 -38.99 14.01 -37.89
C GLN B 578 -39.52 12.59 -37.96
N LYS B 579 -38.67 11.62 -37.67
CA LYS B 579 -39.09 10.23 -37.58
C LYS B 579 -39.70 9.98 -36.22
N ARG B 580 -39.35 10.84 -35.25
CA ARG B 580 -39.83 10.72 -33.87
C ARG B 580 -39.66 9.31 -33.29
N GLY B 581 -38.42 8.82 -33.27
CA GLY B 581 -38.15 7.50 -32.74
C GLY B 581 -37.42 7.53 -31.41
N PHE B 582 -36.54 6.55 -31.20
CA PHE B 582 -35.75 6.49 -29.97
C PHE B 582 -34.80 7.68 -29.87
N TYR B 583 -34.43 8.26 -31.01
CA TYR B 583 -33.67 9.49 -31.03
C TYR B 583 -34.47 10.60 -30.37
N TYR B 584 -35.74 10.73 -30.74
CA TYR B 584 -36.61 11.79 -30.24
C TYR B 584 -36.72 11.76 -28.72
N GLU B 585 -37.08 10.61 -28.17
CA GLU B 585 -37.11 10.41 -26.73
C GLU B 585 -35.76 10.75 -26.13
N LEU B 586 -34.71 10.19 -26.71
CA LEU B 586 -33.34 10.43 -26.27
C LEU B 586 -32.93 11.89 -26.46
N PHE B 587 -33.70 12.63 -27.25
CA PHE B 587 -33.42 14.04 -27.45
C PHE B 587 -34.35 14.95 -26.65
N THR B 588 -35.66 14.81 -26.86
CA THR B 588 -36.64 15.73 -26.27
C THR B 588 -36.75 15.62 -24.75
N SER B 589 -36.43 14.44 -24.22
CA SER B 589 -36.41 14.24 -22.78
C SER B 589 -35.04 14.64 -22.24
N GLN B 590 -34.27 15.30 -23.09
CA GLN B 590 -32.98 15.86 -22.71
C GLN B 590 -33.04 17.36 -22.96
N TYR B 591 -32.90 17.75 -24.23
CA TYR B 591 -32.99 19.18 -24.60
C TYR B 591 -34.42 19.57 -25.00
N GLY B 592 -35.36 19.41 -24.08
CA GLY B 592 -36.74 19.83 -24.31
C GLY B 592 -37.21 20.76 -23.21
#